data_7TBN
#
_entry.id   7TBN
#
_cell.length_a   150.614
_cell.length_b   84.367
_cell.length_c   92.992
_cell.angle_alpha   90.000
_cell.angle_beta   115.730
_cell.angle_gamma   90.000
#
_symmetry.space_group_name_H-M   'C 1 2 1'
#
loop_
_entity.id
_entity.type
_entity.pdbx_description
1 polymer 'D11 LOV2-DARPin fusion'
2 non-polymer GLYCEROL
3 non-polymer 'CARBONATE ION'
4 water water
#
_entity_poly.entity_id   1
_entity_poly.type   'polypeptide(L)'
_entity_poly.pdbx_seq_one_letter_code
;GSGEGFLEAALERIEKNFVITDPRLPDNPIIFASDSFLQLTEYSREEILGRNARFLQGPETDRATVRKIRDAIDNQTEVT
VQLINYTKSGKKFWNVFHLQPLRDQKGDVQYFIGVQLDGTEHFSGEDLEKLIKEAKQVAEEIAEAAKLALLKLKIKEIEE
KIKKAEDNGDEDKVKELREKLDKLRKAYLILALLEAAKKGQIEEVRRLLELGADANGADGGGTTPLHLAATSGQLTIVEI
LLRQGADVNAADNTGTTPLHLAAYSGHLEIVEVLLKHGADVDASDVFGYTPLHLAAYWGHLEIVEVLLKNGADVNAMDSD
GMTPLHLAAKWGYLEIVEVLLKHGADVNAQDKFGKTPFDLAIDNGNEDIAEVLQKAA
;
_entity_poly.pdbx_strand_id   A,B
#
loop_
_chem_comp.id
_chem_comp.type
_chem_comp.name
_chem_comp.formula
CO3 non-polymer 'CARBONATE ION' 'C O3 -2'
GOL non-polymer GLYCEROL 'C3 H8 O3'
#
# COMPACT_ATOMS: atom_id res chain seq x y z
N GLY A 5 -32.01 -8.55 18.76
CA GLY A 5 -31.70 -7.11 18.52
C GLY A 5 -31.08 -6.94 17.14
N PHE A 6 -31.70 -6.17 16.26
CA PHE A 6 -31.12 -5.91 14.91
C PHE A 6 -29.70 -5.30 15.11
N LEU A 7 -29.55 -4.33 16.00
CA LEU A 7 -28.29 -3.57 16.17
C LEU A 7 -27.21 -4.52 16.69
N GLU A 8 -27.55 -5.30 17.72
CA GLU A 8 -26.68 -6.33 18.33
C GLU A 8 -26.22 -7.34 17.27
N ALA A 9 -27.13 -7.94 16.51
CA ALA A 9 -26.76 -8.85 15.39
C ALA A 9 -25.82 -8.18 14.38
N ALA A 10 -26.06 -6.94 13.99
CA ALA A 10 -25.22 -6.22 13.01
C ALA A 10 -23.81 -5.99 13.57
N LEU A 11 -23.68 -5.64 14.84
CA LEU A 11 -22.35 -5.29 15.40
C LEU A 11 -21.54 -6.56 15.74
N GLU A 12 -22.17 -7.66 16.17
CA GLU A 12 -21.43 -8.92 16.48
C GLU A 12 -20.69 -9.44 15.26
N ARG A 13 -21.07 -9.01 14.06
CA ARG A 13 -20.49 -9.53 12.80
C ARG A 13 -19.11 -8.92 12.57
N ILE A 14 -18.81 -7.78 13.19
CA ILE A 14 -17.59 -6.99 12.89
C ILE A 14 -16.42 -7.45 13.75
N GLU A 15 -15.41 -8.01 13.09
CA GLU A 15 -14.23 -8.61 13.72
C GLU A 15 -13.18 -7.50 13.85
N LYS A 16 -13.52 -6.46 14.61
CA LYS A 16 -12.63 -5.30 14.88
C LYS A 16 -12.73 -4.97 16.36
N ASN A 17 -11.83 -4.13 16.86
CA ASN A 17 -11.82 -3.65 18.26
C ASN A 17 -12.63 -2.40 18.31
N PHE A 18 -13.81 -2.47 18.90
CA PHE A 18 -14.58 -1.23 19.04
C PHE A 18 -15.57 -1.34 20.17
N VAL A 19 -16.08 -0.20 20.59
CA VAL A 19 -17.26 -0.09 21.49
C VAL A 19 -18.24 0.88 20.86
N ILE A 20 -19.47 0.83 21.37
CA ILE A 20 -20.59 1.82 21.18
C ILE A 20 -21.06 2.31 22.53
N THR A 21 -21.12 3.63 22.70
CA THR A 21 -21.64 4.26 23.93
C THR A 21 -22.93 4.99 23.59
N ASP A 22 -23.78 5.13 24.59
CA ASP A 22 -25.06 5.85 24.48
C ASP A 22 -24.97 7.12 25.28
N PRO A 23 -24.75 8.29 24.66
CA PRO A 23 -24.61 9.55 25.42
C PRO A 23 -25.94 10.14 25.89
N ARG A 24 -27.07 9.60 25.41
N ARG A 24 -27.05 9.54 25.42
CA ARG A 24 -28.40 9.96 25.95
CA ARG A 24 -28.46 9.79 25.82
C ARG A 24 -28.51 9.38 27.36
C ARG A 24 -28.76 9.10 27.16
N LEU A 25 -27.87 8.23 27.63
CA LEU A 25 -27.96 7.61 28.96
C LEU A 25 -26.92 8.28 29.84
N PRO A 26 -27.19 8.43 31.16
CA PRO A 26 -26.27 9.11 32.07
C PRO A 26 -24.89 8.44 32.11
N ASP A 27 -23.82 9.26 32.11
CA ASP A 27 -22.41 8.80 32.15
C ASP A 27 -21.97 8.06 30.86
N ASN A 28 -22.76 8.11 29.77
CA ASN A 28 -22.32 7.72 28.40
C ASN A 28 -21.81 6.29 28.42
N PRO A 29 -22.63 5.31 28.86
CA PRO A 29 -22.18 3.93 29.01
C PRO A 29 -21.93 3.25 27.67
N ILE A 30 -21.02 2.29 27.72
CA ILE A 30 -20.82 1.27 26.66
C ILE A 30 -22.07 0.40 26.65
N ILE A 31 -22.72 0.31 25.51
CA ILE A 31 -23.89 -0.56 25.26
C ILE A 31 -23.54 -1.69 24.29
N PHE A 32 -22.34 -1.68 23.68
CA PHE A 32 -21.84 -2.82 22.86
C PHE A 32 -20.33 -2.81 22.88
N ALA A 33 -19.74 -3.97 23.11
CA ALA A 33 -18.27 -4.17 23.06
C ALA A 33 -17.97 -5.43 22.26
N SER A 34 -17.13 -5.27 21.25
CA SER A 34 -16.75 -6.35 20.32
C SER A 34 -15.92 -7.38 21.07
N ASP A 35 -16.12 -8.67 20.79
CA ASP A 35 -15.27 -9.81 21.23
C ASP A 35 -13.79 -9.43 21.20
N SER A 36 -13.41 -8.75 20.14
CA SER A 36 -12.01 -8.35 19.89
C SER A 36 -11.53 -7.40 21.01
N PHE A 37 -12.33 -6.40 21.33
CA PHE A 37 -12.05 -5.39 22.38
C PHE A 37 -11.88 -6.10 23.75
N LEU A 38 -12.82 -6.99 24.05
CA LEU A 38 -12.89 -7.78 25.33
C LEU A 38 -11.62 -8.63 25.42
N GLN A 39 -11.21 -9.18 24.28
CA GLN A 39 -9.98 -10.00 24.19
C GLN A 39 -8.79 -9.13 24.57
N LEU A 40 -8.65 -7.98 23.92
CA LEU A 40 -7.57 -6.98 24.12
C LEU A 40 -7.53 -6.55 25.59
N THR A 41 -8.66 -6.19 26.18
CA THR A 41 -8.72 -5.50 27.48
C THR A 41 -8.89 -6.52 28.61
N GLU A 42 -9.22 -7.77 28.28
CA GLU A 42 -9.24 -8.92 29.21
C GLU A 42 -10.51 -8.89 30.07
N TYR A 43 -11.53 -8.14 29.69
CA TYR A 43 -12.84 -8.09 30.37
C TYR A 43 -13.85 -9.01 29.70
N SER A 44 -14.95 -9.28 30.39
CA SER A 44 -16.16 -9.95 29.86
C SER A 44 -17.23 -8.89 29.55
N ARG A 45 -18.26 -9.23 28.76
CA ARG A 45 -19.34 -8.25 28.48
C ARG A 45 -20.05 -7.87 29.76
N GLU A 46 -20.29 -8.84 30.64
CA GLU A 46 -21.00 -8.65 31.94
C GLU A 46 -20.27 -7.54 32.73
N GLU A 47 -18.94 -7.60 32.81
CA GLU A 47 -18.07 -6.58 33.47
C GLU A 47 -18.19 -5.18 32.85
N ILE A 48 -18.22 -5.06 31.51
CA ILE A 48 -18.15 -3.78 30.72
C ILE A 48 -19.53 -3.17 30.44
N LEU A 49 -20.46 -3.94 29.90
CA LEU A 49 -21.70 -3.31 29.36
C LEU A 49 -22.38 -2.50 30.46
N GLY A 50 -22.74 -1.25 30.15
CA GLY A 50 -23.47 -0.35 31.06
C GLY A 50 -22.51 0.54 31.85
N ARG A 51 -21.20 0.41 31.63
CA ARG A 51 -20.22 1.28 32.32
C ARG A 51 -19.44 2.18 31.35
N ASN A 52 -19.00 3.31 31.88
CA ASN A 52 -18.26 4.37 31.15
C ASN A 52 -16.89 3.78 30.86
N ALA A 53 -16.35 4.03 29.68
CA ALA A 53 -15.04 3.55 29.17
C ALA A 53 -13.84 4.00 30.01
N ARG A 54 -14.01 4.90 30.97
CA ARG A 54 -12.89 5.42 31.80
C ARG A 54 -12.15 4.29 32.56
N PHE A 55 -12.63 3.05 32.69
CA PHE A 55 -11.84 1.92 33.29
C PHE A 55 -10.56 1.60 32.50
N LEU A 56 -10.48 2.09 31.25
CA LEU A 56 -9.31 1.93 30.35
C LEU A 56 -8.15 2.84 30.77
N GLN A 57 -8.48 3.90 31.54
CA GLN A 57 -7.53 4.93 31.98
C GLN A 57 -6.69 4.36 33.14
N GLY A 58 -5.37 4.45 33.06
CA GLY A 58 -4.51 4.20 34.22
C GLY A 58 -3.51 5.34 34.39
N PRO A 59 -2.54 5.21 35.33
CA PRO A 59 -1.61 6.29 35.64
C PRO A 59 -0.90 6.91 34.43
N GLU A 60 -0.61 6.14 33.38
CA GLU A 60 0.21 6.59 32.24
C GLU A 60 -0.68 6.91 31.03
N THR A 61 -1.99 6.89 31.20
CA THR A 61 -2.92 7.46 30.22
C THR A 61 -2.83 8.97 30.35
N ASP A 62 -2.37 9.61 29.28
CA ASP A 62 -2.11 11.08 29.22
C ASP A 62 -3.42 11.82 29.48
N ARG A 63 -3.41 12.67 30.48
CA ARG A 63 -4.64 13.38 30.86
C ARG A 63 -5.01 14.39 29.78
N ALA A 64 -4.04 15.07 29.17
CA ALA A 64 -4.34 16.03 28.06
C ALA A 64 -5.00 15.27 26.89
N THR A 65 -4.61 14.02 26.65
CA THR A 65 -5.20 13.20 25.55
C THR A 65 -6.62 12.79 25.93
N VAL A 66 -6.85 12.43 27.17
CA VAL A 66 -8.21 12.11 27.68
C VAL A 66 -9.10 13.35 27.56
N ARG A 67 -8.59 14.50 27.95
CA ARG A 67 -9.28 15.80 27.74
C ARG A 67 -9.77 15.97 26.30
N LYS A 68 -8.96 15.64 25.30
CA LYS A 68 -9.34 15.84 23.88
C LYS A 68 -10.47 14.89 23.56
N ILE A 69 -10.44 13.69 24.12
CA ILE A 69 -11.55 12.71 23.93
C ILE A 69 -12.79 13.28 24.63
N ARG A 70 -12.70 13.74 25.88
CA ARG A 70 -13.83 14.38 26.61
C ARG A 70 -14.40 15.56 25.78
N ASP A 71 -13.56 16.48 25.28
CA ASP A 71 -14.02 17.64 24.47
C ASP A 71 -14.79 17.15 23.23
N ALA A 72 -14.34 16.08 22.61
CA ALA A 72 -14.94 15.56 21.36
C ALA A 72 -16.33 15.01 21.64
N ILE A 73 -16.51 14.40 22.81
CA ILE A 73 -17.84 13.92 23.24
C ILE A 73 -18.72 15.13 23.57
N ASP A 74 -18.19 16.14 24.26
CA ASP A 74 -18.96 17.36 24.65
C ASP A 74 -19.30 18.22 23.41
N ASN A 75 -18.49 18.26 22.36
CA ASN A 75 -18.77 19.05 21.13
C ASN A 75 -19.46 18.23 20.06
N GLN A 76 -19.61 16.94 20.27
CA GLN A 76 -20.18 15.99 19.28
C GLN A 76 -19.32 16.04 18.00
N THR A 77 -18.00 15.91 18.14
CA THR A 77 -17.05 15.87 16.99
C THR A 77 -16.25 14.57 17.01
N GLU A 78 -15.45 14.36 15.98
CA GLU A 78 -14.47 13.26 15.87
C GLU A 78 -13.09 13.68 16.38
N VAL A 79 -12.35 12.69 16.84
CA VAL A 79 -10.92 12.88 17.18
C VAL A 79 -10.25 11.52 16.96
N THR A 80 -8.97 11.60 16.61
CA THR A 80 -8.12 10.40 16.58
C THR A 80 -6.94 10.77 17.46
N VAL A 81 -6.59 9.90 18.38
CA VAL A 81 -5.40 10.10 19.24
C VAL A 81 -4.62 8.82 19.38
N GLN A 82 -3.38 8.95 19.85
CA GLN A 82 -2.60 7.80 20.34
C GLN A 82 -2.36 7.95 21.85
N LEU A 83 -2.45 6.84 22.58
CA LEU A 83 -2.36 6.87 24.06
C LEU A 83 -2.24 5.46 24.60
N ILE A 84 -1.80 5.40 25.86
CA ILE A 84 -1.59 4.15 26.65
C ILE A 84 -2.90 3.87 27.37
N ASN A 85 -3.46 2.68 27.18
CA ASN A 85 -4.62 2.26 27.99
C ASN A 85 -4.27 1.01 28.79
N TYR A 86 -5.19 0.59 29.65
CA TYR A 86 -4.95 -0.51 30.60
C TYR A 86 -5.91 -1.66 30.44
N THR A 87 -5.37 -2.87 30.53
CA THR A 87 -6.20 -4.10 30.63
C THR A 87 -6.71 -4.27 32.06
N LYS A 88 -7.69 -5.17 32.22
CA LYS A 88 -8.26 -5.58 33.53
C LYS A 88 -7.14 -5.89 34.54
N SER A 89 -6.06 -6.54 34.11
CA SER A 89 -4.98 -6.99 35.01
C SER A 89 -3.90 -5.91 35.15
N GLY A 90 -4.17 -4.72 34.62
CA GLY A 90 -3.28 -3.55 34.75
C GLY A 90 -2.14 -3.59 33.78
N LYS A 91 -2.20 -4.38 32.70
CA LYS A 91 -1.21 -4.27 31.58
C LYS A 91 -1.45 -3.03 30.70
N LYS A 92 -0.40 -2.35 30.30
CA LYS A 92 -0.47 -1.15 29.44
C LYS A 92 -0.47 -1.60 27.98
N PHE A 93 -1.23 -0.93 27.13
CA PHE A 93 -1.03 -1.06 25.66
C PHE A 93 -1.16 0.30 25.01
N TRP A 94 -0.30 0.58 24.05
CA TRP A 94 -0.44 1.74 23.14
C TRP A 94 -1.59 1.44 22.18
N ASN A 95 -2.42 2.43 21.85
CA ASN A 95 -3.42 2.29 20.78
C ASN A 95 -3.66 3.64 20.08
N VAL A 96 -3.92 3.54 18.79
CA VAL A 96 -4.59 4.61 18.02
C VAL A 96 -6.07 4.41 18.32
N PHE A 97 -6.70 5.47 18.78
CA PHE A 97 -8.12 5.46 19.19
C PHE A 97 -8.86 6.52 18.38
N HIS A 98 -9.96 6.12 17.73
CA HIS A 98 -10.75 7.06 16.90
C HIS A 98 -12.15 7.09 17.47
N LEU A 99 -12.70 8.27 17.74
CA LEU A 99 -14.04 8.48 18.30
C LEU A 99 -14.84 9.23 17.24
N GLN A 100 -16.03 8.75 16.85
CA GLN A 100 -16.98 9.60 16.08
C GLN A 100 -18.42 9.41 16.56
N PRO A 101 -19.24 10.45 16.43
CA PRO A 101 -20.67 10.37 16.70
C PRO A 101 -21.40 9.68 15.53
N LEU A 102 -22.43 8.90 15.91
CA LEU A 102 -23.44 8.34 14.97
C LEU A 102 -24.77 9.06 15.26
N ARG A 103 -25.34 9.68 14.23
CA ARG A 103 -26.46 10.64 14.37
C ARG A 103 -27.76 9.98 13.93
N ASP A 104 -28.91 10.38 14.47
CA ASP A 104 -30.24 9.87 14.01
C ASP A 104 -30.67 10.64 12.76
N GLN A 105 -31.84 10.33 12.22
CA GLN A 105 -32.37 11.01 11.01
C GLN A 105 -32.43 12.51 11.26
N LYS A 106 -32.90 12.94 12.43
CA LYS A 106 -32.89 14.36 12.90
C LYS A 106 -31.47 14.93 12.94
N GLY A 107 -30.44 14.08 12.85
CA GLY A 107 -29.03 14.48 12.95
C GLY A 107 -28.64 14.80 14.38
N ASP A 108 -29.42 14.33 15.38
CA ASP A 108 -28.97 14.37 16.80
C ASP A 108 -28.06 13.15 17.03
N VAL A 109 -27.12 13.28 17.95
CA VAL A 109 -26.22 12.16 18.27
C VAL A 109 -27.04 11.09 19.01
N GLN A 110 -26.98 9.88 18.50
CA GLN A 110 -27.63 8.71 19.10
C GLN A 110 -26.57 7.87 19.83
N TYR A 111 -25.42 7.67 19.19
CA TYR A 111 -24.30 6.86 19.73
C TYR A 111 -22.95 7.52 19.43
N PHE A 112 -21.94 7.06 20.16
CA PHE A 112 -20.52 7.28 19.82
C PHE A 112 -19.95 5.93 19.44
N ILE A 113 -19.15 5.93 18.40
CA ILE A 113 -18.31 4.76 18.01
C ILE A 113 -16.86 5.07 18.45
N GLY A 114 -16.26 4.14 19.18
CA GLY A 114 -14.83 4.15 19.50
C GLY A 114 -14.12 2.95 18.92
N VAL A 115 -13.10 3.20 18.13
CA VAL A 115 -12.24 2.15 17.52
C VAL A 115 -10.81 2.25 18.07
N GLN A 116 -10.25 1.11 18.49
N GLN A 116 -10.22 1.09 18.36
CA GLN A 116 -8.85 0.97 18.95
CA GLN A 116 -8.89 0.91 18.99
C GLN A 116 -8.08 0.08 17.98
C GLN A 116 -8.01 0.00 18.11
N LEU A 117 -6.89 0.52 17.57
CA LEU A 117 -5.84 -0.28 16.90
C LEU A 117 -4.67 -0.41 17.88
N ASP A 118 -4.38 -1.58 18.43
CA ASP A 118 -3.30 -1.69 19.46
C ASP A 118 -1.94 -2.00 18.82
N GLY A 119 -0.84 -1.86 19.58
CA GLY A 119 0.52 -2.17 19.08
C GLY A 119 1.07 -1.13 18.13
N THR A 120 0.87 0.16 18.40
CA THR A 120 1.13 1.27 17.43
C THR A 120 2.40 2.12 17.77
N GLU A 121 3.08 1.87 18.89
CA GLU A 121 4.15 2.75 19.44
C GLU A 121 5.31 2.96 18.47
N HIS A 122 5.58 2.04 17.52
CA HIS A 122 6.76 2.23 16.62
C HIS A 122 6.36 2.80 15.26
N PHE A 123 5.07 3.06 15.05
CA PHE A 123 4.59 3.65 13.78
C PHE A 123 4.87 5.16 13.76
N SER A 124 5.46 5.64 12.66
CA SER A 124 5.80 7.06 12.39
C SER A 124 5.39 7.44 10.98
N GLY A 125 5.18 8.74 10.73
CA GLY A 125 4.94 9.32 9.40
C GLY A 125 3.84 8.59 8.61
N GLU A 126 4.15 8.21 7.38
CA GLU A 126 3.29 7.46 6.42
C GLU A 126 2.66 6.20 7.04
N ASP A 127 3.41 5.38 7.77
CA ASP A 127 2.86 4.14 8.37
C ASP A 127 1.83 4.47 9.43
N LEU A 128 2.09 5.47 10.29
CA LEU A 128 1.12 5.88 11.32
C LEU A 128 -0.10 6.45 10.61
N GLU A 129 0.11 7.27 9.59
CA GLU A 129 -1.00 7.94 8.86
C GLU A 129 -1.92 6.86 8.27
N LYS A 130 -1.39 5.71 7.88
CA LYS A 130 -2.19 4.57 7.36
C LYS A 130 -3.06 4.00 8.48
N LEU A 131 -2.54 3.91 9.70
CA LEU A 131 -3.33 3.44 10.86
C LEU A 131 -4.46 4.40 11.15
N ILE A 132 -4.20 5.68 11.11
CA ILE A 132 -5.22 6.74 11.41
C ILE A 132 -6.38 6.62 10.41
N LYS A 133 -6.06 6.44 9.13
CA LYS A 133 -7.06 6.13 8.09
C LYS A 133 -7.74 4.79 8.36
N GLU A 134 -7.00 3.78 8.79
CA GLU A 134 -7.62 2.46 9.03
C GLU A 134 -8.66 2.57 10.14
N ALA A 135 -8.41 3.28 11.23
CA ALA A 135 -9.35 3.36 12.36
C ALA A 135 -10.60 4.10 11.88
N LYS A 136 -10.43 5.17 11.11
CA LYS A 136 -11.57 5.95 10.54
C LYS A 136 -12.47 5.07 9.66
N GLN A 137 -11.87 4.32 8.74
CA GLN A 137 -12.60 3.42 7.81
C GLN A 137 -13.38 2.39 8.63
N VAL A 138 -12.76 1.79 9.66
CA VAL A 138 -13.45 0.84 10.56
C VAL A 138 -14.66 1.54 11.17
N ALA A 139 -14.50 2.74 11.71
CA ALA A 139 -15.64 3.48 12.30
C ALA A 139 -16.76 3.68 11.26
N GLU A 140 -16.38 4.00 10.01
CA GLU A 140 -17.32 4.18 8.88
C GLU A 140 -18.03 2.84 8.60
N GLU A 141 -17.31 1.73 8.60
CA GLU A 141 -17.87 0.37 8.35
C GLU A 141 -18.88 0.05 9.47
N ILE A 142 -18.56 0.42 10.70
CA ILE A 142 -19.45 0.20 11.86
C ILE A 142 -20.68 1.08 11.70
N ALA A 143 -20.50 2.32 11.27
CA ALA A 143 -21.59 3.32 11.22
C ALA A 143 -22.60 2.92 10.14
N GLU A 144 -22.14 2.32 9.07
CA GLU A 144 -23.04 1.93 7.93
C GLU A 144 -23.83 0.68 8.32
N ALA A 145 -23.18 -0.30 8.95
CA ALA A 145 -23.85 -1.50 9.49
C ALA A 145 -24.90 -1.08 10.52
N ALA A 146 -24.62 -0.07 11.34
CA ALA A 146 -25.53 0.37 12.42
C ALA A 146 -26.70 1.14 11.79
N LYS A 147 -26.42 2.00 10.83
CA LYS A 147 -27.47 2.79 10.15
C LYS A 147 -28.51 1.84 9.53
N LEU A 148 -28.06 0.77 8.85
CA LEU A 148 -28.91 -0.21 8.17
C LEU A 148 -29.73 -0.93 9.24
N ALA A 149 -29.12 -1.28 10.39
CA ALA A 149 -29.83 -2.08 11.40
C ALA A 149 -30.93 -1.19 12.02
N LEU A 150 -30.63 0.07 12.21
CA LEU A 150 -31.56 1.06 12.81
C LEU A 150 -32.75 1.34 11.86
N LEU A 151 -32.48 1.41 10.57
CA LEU A 151 -33.55 1.47 9.53
C LEU A 151 -34.45 0.23 9.62
N LYS A 152 -33.89 -0.96 9.68
CA LYS A 152 -34.68 -2.20 9.79
C LYS A 152 -35.55 -2.16 11.07
N LEU A 153 -35.00 -1.71 12.19
CA LEU A 153 -35.75 -1.56 13.43
C LEU A 153 -36.89 -0.56 13.22
N LYS A 154 -36.66 0.57 12.52
CA LYS A 154 -37.71 1.60 12.32
C LYS A 154 -38.83 0.98 11.47
N ILE A 155 -38.46 0.23 10.45
CA ILE A 155 -39.40 -0.48 9.55
C ILE A 155 -40.23 -1.45 10.40
N LYS A 156 -39.60 -2.30 11.22
CA LYS A 156 -40.29 -3.28 12.10
C LYS A 156 -41.29 -2.51 12.97
N GLU A 157 -40.89 -1.36 13.53
CA GLU A 157 -41.69 -0.60 14.51
C GLU A 157 -42.89 0.09 13.82
N ILE A 158 -42.71 0.69 12.65
CA ILE A 158 -43.85 1.27 11.90
C ILE A 158 -44.84 0.14 11.49
N GLU A 159 -44.36 -0.99 11.03
CA GLU A 159 -45.26 -2.11 10.65
C GLU A 159 -46.08 -2.52 11.87
N GLU A 160 -45.52 -2.48 13.07
CA GLU A 160 -46.25 -2.79 14.32
C GLU A 160 -47.34 -1.72 14.55
N LYS A 161 -47.03 -0.45 14.30
CA LYS A 161 -48.00 0.64 14.51
C LYS A 161 -49.09 0.55 13.47
N ILE A 162 -48.78 0.19 12.23
CA ILE A 162 -49.81 -0.02 11.15
C ILE A 162 -50.75 -1.12 11.61
N LYS A 163 -50.24 -2.26 12.06
CA LYS A 163 -51.14 -3.38 12.43
C LYS A 163 -52.09 -2.86 13.52
N LYS A 164 -51.58 -2.12 14.50
CA LYS A 164 -52.38 -1.54 15.59
C LYS A 164 -53.43 -0.57 15.02
N ALA A 165 -53.06 0.39 14.18
CA ALA A 165 -54.01 1.36 13.59
C ALA A 165 -55.09 0.63 12.75
N GLU A 166 -54.77 -0.49 12.09
CA GLU A 166 -55.78 -1.29 11.35
C GLU A 166 -56.83 -1.80 12.33
N ASP A 167 -56.38 -2.34 13.48
CA ASP A 167 -57.26 -2.95 14.51
C ASP A 167 -58.15 -1.88 15.17
N ASN A 168 -57.81 -0.59 15.13
CA ASN A 168 -58.71 0.47 15.66
C ASN A 168 -59.53 1.13 14.56
N GLY A 169 -59.39 0.66 13.32
CA GLY A 169 -60.03 1.27 12.15
C GLY A 169 -59.66 2.73 11.97
N ASP A 170 -58.45 3.13 12.38
CA ASP A 170 -57.87 4.48 12.13
C ASP A 170 -57.24 4.44 10.74
N GLU A 171 -58.07 4.57 9.72
CA GLU A 171 -57.68 4.43 8.32
C GLU A 171 -56.75 5.59 7.94
N ASP A 172 -56.98 6.80 8.45
CA ASP A 172 -56.06 7.94 8.17
C ASP A 172 -54.66 7.67 8.70
N LYS A 173 -54.54 7.12 9.90
CA LYS A 173 -53.21 6.90 10.50
C LYS A 173 -52.50 5.77 9.76
N VAL A 174 -53.20 4.75 9.31
CA VAL A 174 -52.62 3.67 8.44
C VAL A 174 -52.04 4.32 7.18
N LYS A 175 -52.77 5.20 6.51
CA LYS A 175 -52.26 5.81 5.26
C LYS A 175 -51.02 6.63 5.58
N GLU A 176 -51.08 7.44 6.62
CA GLU A 176 -49.94 8.26 7.08
C GLU A 176 -48.74 7.35 7.37
N LEU A 177 -48.91 6.27 8.12
CA LEU A 177 -47.79 5.39 8.48
C LEU A 177 -47.30 4.66 7.21
N ARG A 178 -48.21 4.28 6.31
CA ARG A 178 -47.81 3.60 5.05
C ARG A 178 -46.95 4.58 4.23
N GLU A 179 -47.21 5.88 4.23
CA GLU A 179 -46.33 6.82 3.48
C GLU A 179 -44.94 6.78 4.13
N LYS A 180 -44.89 6.82 5.47
CA LYS A 180 -43.61 6.82 6.21
C LYS A 180 -42.83 5.56 5.87
N LEU A 181 -43.52 4.41 5.87
CA LEU A 181 -42.92 3.10 5.59
C LEU A 181 -42.34 3.10 4.18
N ASP A 182 -43.08 3.61 3.21
CA ASP A 182 -42.63 3.66 1.80
C ASP A 182 -41.37 4.53 1.74
N LYS A 183 -41.24 5.54 2.57
CA LYS A 183 -40.00 6.37 2.60
C LYS A 183 -38.82 5.67 3.26
N LEU A 184 -39.03 4.92 4.34
CA LEU A 184 -37.94 4.13 4.98
C LEU A 184 -37.39 3.12 3.96
N ARG A 185 -38.27 2.48 3.21
CA ARG A 185 -37.87 1.52 2.17
C ARG A 185 -37.09 2.20 1.05
N LYS A 186 -37.50 3.37 0.59
CA LYS A 186 -36.73 4.15 -0.43
C LYS A 186 -35.34 4.49 0.10
N ALA A 187 -35.28 4.83 1.39
CA ALA A 187 -34.03 5.19 2.07
C ALA A 187 -33.12 3.98 2.15
N TYR A 188 -33.66 2.84 2.54
CA TYR A 188 -32.86 1.60 2.60
C TYR A 188 -32.32 1.28 1.21
N LEU A 189 -33.15 1.37 0.19
CA LEU A 189 -32.73 1.05 -1.21
C LEU A 189 -31.59 2.00 -1.65
N ILE A 190 -31.64 3.29 -1.30
CA ILE A 190 -30.56 4.20 -1.79
C ILE A 190 -29.32 3.99 -0.94
N LEU A 191 -29.46 3.69 0.35
CA LEU A 191 -28.29 3.38 1.19
C LEU A 191 -27.52 2.17 0.60
N ALA A 192 -28.24 1.10 0.28
CA ALA A 192 -27.69 -0.14 -0.32
C ALA A 192 -27.12 0.18 -1.72
N LEU A 193 -27.75 1.03 -2.52
CA LEU A 193 -27.27 1.28 -3.91
C LEU A 193 -25.99 2.08 -3.88
N LEU A 194 -25.90 3.04 -2.98
CA LEU A 194 -24.69 3.87 -2.90
C LEU A 194 -23.51 2.98 -2.56
N GLU A 195 -23.69 2.06 -1.61
CA GLU A 195 -22.62 1.18 -1.10
C GLU A 195 -22.18 0.17 -2.18
N ALA A 196 -23.12 -0.42 -2.88
CA ALA A 196 -22.91 -1.38 -3.99
C ALA A 196 -22.16 -0.69 -5.14
N ALA A 197 -22.53 0.55 -5.49
CA ALA A 197 -21.85 1.35 -6.56
C ALA A 197 -20.40 1.59 -6.15
N LYS A 198 -20.18 1.93 -4.88
CA LYS A 198 -18.85 2.25 -4.32
C LYS A 198 -17.94 1.03 -4.30
N LYS A 199 -18.50 -0.11 -3.86
CA LYS A 199 -17.79 -1.39 -3.67
C LYS A 199 -17.70 -2.15 -5.01
N GLY A 200 -18.36 -1.69 -6.06
CA GLY A 200 -18.29 -2.35 -7.39
C GLY A 200 -19.03 -3.68 -7.42
N GLN A 201 -20.15 -3.74 -6.73
CA GLN A 201 -20.99 -4.96 -6.73
C GLN A 201 -22.01 -4.84 -7.88
N ILE A 202 -21.66 -5.32 -9.05
CA ILE A 202 -22.45 -5.09 -10.29
C ILE A 202 -23.80 -5.76 -10.14
N GLU A 203 -23.84 -7.04 -9.82
CA GLU A 203 -25.14 -7.76 -9.78
C GLU A 203 -26.00 -7.13 -8.68
N GLU A 204 -25.40 -6.71 -7.58
CA GLU A 204 -26.16 -6.11 -6.45
C GLU A 204 -26.75 -4.77 -6.93
N VAL A 205 -26.00 -4.01 -7.72
CA VAL A 205 -26.54 -2.76 -8.33
C VAL A 205 -27.73 -3.13 -9.20
N ARG A 206 -27.60 -4.09 -10.10
CA ARG A 206 -28.72 -4.53 -10.98
C ARG A 206 -29.92 -4.87 -10.13
N ARG A 207 -29.73 -5.63 -9.06
N ARG A 207 -29.69 -5.62 -9.05
CA ARG A 207 -30.85 -6.16 -8.25
CA ARG A 207 -30.71 -6.20 -8.18
C ARG A 207 -31.52 -5.01 -7.50
C ARG A 207 -31.46 -5.07 -7.47
N LEU A 208 -30.73 -4.10 -6.94
CA LEU A 208 -31.33 -2.99 -6.21
C LEU A 208 -32.18 -2.16 -7.16
N LEU A 209 -31.72 -1.94 -8.38
CA LEU A 209 -32.50 -1.14 -9.36
C LEU A 209 -33.79 -1.87 -9.76
N GLU A 210 -33.71 -3.18 -10.01
CA GLU A 210 -34.89 -4.04 -10.33
C GLU A 210 -35.92 -3.92 -9.20
N LEU A 211 -35.47 -3.77 -7.96
CA LEU A 211 -36.33 -3.66 -6.76
C LEU A 211 -36.81 -2.22 -6.52
N GLY A 212 -36.33 -1.26 -7.30
CA GLY A 212 -36.93 0.08 -7.38
C GLY A 212 -36.06 1.15 -6.77
N ALA A 213 -34.76 0.88 -6.60
CA ALA A 213 -33.77 1.83 -6.06
C ALA A 213 -33.71 3.00 -7.05
N ASP A 214 -33.63 4.19 -6.51
CA ASP A 214 -33.57 5.46 -7.31
C ASP A 214 -32.12 5.61 -7.76
N ALA A 215 -31.85 5.43 -9.05
CA ALA A 215 -30.57 5.75 -9.71
C ALA A 215 -30.18 7.22 -9.44
N ASN A 216 -31.13 8.06 -9.02
CA ASN A 216 -30.81 9.50 -8.80
C ASN A 216 -30.80 9.80 -7.30
N GLY A 217 -31.08 8.82 -6.43
CA GLY A 217 -30.93 9.04 -4.98
C GLY A 217 -29.57 9.60 -4.62
N ALA A 218 -29.49 10.36 -3.54
CA ALA A 218 -28.25 11.00 -3.04
C ALA A 218 -28.20 10.94 -1.52
N ASP A 219 -26.99 10.87 -0.97
CA ASP A 219 -26.69 10.91 0.47
C ASP A 219 -26.83 12.36 0.95
N GLY A 220 -26.55 12.58 2.25
CA GLY A 220 -26.38 13.88 2.93
C GLY A 220 -25.79 14.92 1.99
N GLY A 221 -24.58 14.67 1.51
CA GLY A 221 -23.77 15.61 0.73
C GLY A 221 -24.09 15.61 -0.75
N GLY A 222 -25.30 15.20 -1.16
CA GLY A 222 -25.78 15.09 -2.56
C GLY A 222 -24.93 14.17 -3.44
N THR A 223 -24.23 13.18 -2.86
CA THR A 223 -23.44 12.16 -3.58
C THR A 223 -24.40 11.09 -4.12
N THR A 224 -24.30 10.80 -5.42
CA THR A 224 -25.14 9.86 -6.16
C THR A 224 -24.34 8.59 -6.38
N PRO A 225 -25.02 7.47 -6.67
CA PRO A 225 -24.33 6.23 -7.08
C PRO A 225 -23.35 6.45 -8.24
N LEU A 226 -23.77 7.23 -9.20
CA LEU A 226 -22.90 7.59 -10.35
C LEU A 226 -21.62 8.27 -9.91
N HIS A 227 -21.69 9.21 -8.98
CA HIS A 227 -20.45 9.81 -8.39
C HIS A 227 -19.56 8.71 -7.85
N LEU A 228 -20.13 7.78 -7.07
CA LEU A 228 -19.27 6.81 -6.38
C LEU A 228 -18.64 5.89 -7.42
N ALA A 229 -19.42 5.47 -8.41
CA ALA A 229 -18.97 4.52 -9.46
C ALA A 229 -17.86 5.23 -10.25
N ALA A 230 -18.02 6.53 -10.51
CA ALA A 230 -16.99 7.32 -11.23
C ALA A 230 -15.68 7.27 -10.48
N THR A 231 -15.73 7.55 -9.19
CA THR A 231 -14.50 7.60 -8.36
C THR A 231 -13.84 6.23 -8.34
N SER A 232 -14.61 5.17 -8.19
CA SER A 232 -14.01 3.83 -7.99
C SER A 232 -13.71 3.14 -9.34
N GLY A 233 -13.98 3.77 -10.46
CA GLY A 233 -13.54 3.20 -11.74
C GLY A 233 -14.45 2.05 -12.21
N GLN A 234 -15.69 2.01 -11.76
CA GLN A 234 -16.62 0.92 -12.05
C GLN A 234 -17.31 1.16 -13.37
N LEU A 235 -16.70 0.78 -14.50
CA LEU A 235 -17.24 1.13 -15.85
C LEU A 235 -18.65 0.54 -16.03
N THR A 236 -18.85 -0.76 -15.80
CA THR A 236 -20.17 -1.41 -16.00
C THR A 236 -21.24 -0.69 -15.16
N ILE A 237 -20.95 -0.47 -13.92
CA ILE A 237 -21.93 0.19 -13.00
C ILE A 237 -22.25 1.59 -13.53
N VAL A 238 -21.26 2.33 -13.98
CA VAL A 238 -21.49 3.65 -14.69
C VAL A 238 -22.50 3.47 -15.80
N GLU A 239 -22.29 2.49 -16.69
CA GLU A 239 -23.20 2.24 -17.83
C GLU A 239 -24.58 1.84 -17.39
N ILE A 240 -24.70 1.00 -16.35
CA ILE A 240 -26.02 0.54 -15.85
C ILE A 240 -26.79 1.76 -15.35
N LEU A 241 -26.17 2.57 -14.50
CA LEU A 241 -26.83 3.75 -13.90
C LEU A 241 -27.30 4.68 -15.00
N LEU A 242 -26.46 4.98 -16.00
CA LEU A 242 -26.81 5.87 -17.14
C LEU A 242 -27.98 5.29 -17.94
N ARG A 243 -27.93 4.01 -18.30
N ARG A 243 -27.94 4.02 -18.31
CA ARG A 243 -29.03 3.27 -19.00
CA ARG A 243 -29.08 3.40 -19.05
C ARG A 243 -30.34 3.44 -18.23
C ARG A 243 -30.38 3.56 -18.22
N GLN A 244 -30.30 3.50 -16.90
CA GLN A 244 -31.51 3.59 -16.04
C GLN A 244 -31.79 5.01 -15.56
N GLY A 245 -31.26 6.04 -16.22
CA GLY A 245 -31.72 7.44 -16.04
C GLY A 245 -30.94 8.21 -15.02
N ALA A 246 -29.76 7.77 -14.65
CA ALA A 246 -28.89 8.54 -13.72
C ALA A 246 -28.53 9.86 -14.44
N ASP A 247 -28.70 10.97 -13.74
CA ASP A 247 -28.34 12.32 -14.23
C ASP A 247 -26.82 12.35 -14.37
N VAL A 248 -26.32 12.37 -15.59
CA VAL A 248 -24.86 12.36 -15.87
C VAL A 248 -24.22 13.60 -15.22
N ASN A 249 -24.98 14.69 -15.01
CA ASN A 249 -24.40 15.99 -14.54
C ASN A 249 -24.76 16.29 -13.11
N ALA A 250 -25.19 15.29 -12.32
CA ALA A 250 -25.65 15.57 -10.94
C ALA A 250 -24.51 16.27 -10.25
N ALA A 251 -24.79 17.40 -9.61
CA ALA A 251 -23.80 18.11 -8.78
C ALA A 251 -24.09 17.81 -7.30
N ASP A 252 -23.07 17.39 -6.55
CA ASP A 252 -23.13 17.23 -5.08
C ASP A 252 -23.11 18.63 -4.44
N ASN A 253 -23.03 18.71 -3.11
N ASN A 253 -23.04 18.72 -3.11
CA ASN A 253 -23.17 19.98 -2.32
CA ASN A 253 -23.23 20.02 -2.40
C ASN A 253 -21.82 20.71 -2.27
C ASN A 253 -22.04 20.93 -2.70
N THR A 254 -20.91 20.38 -3.18
CA THR A 254 -19.66 21.12 -3.50
C THR A 254 -19.64 21.41 -5.00
N GLY A 255 -20.78 21.18 -5.66
CA GLY A 255 -20.93 21.27 -7.13
C GLY A 255 -20.04 20.27 -7.90
N THR A 256 -19.50 19.24 -7.25
CA THR A 256 -18.73 18.16 -7.94
C THR A 256 -19.68 17.23 -8.74
N THR A 257 -19.31 16.93 -9.99
CA THR A 257 -20.04 16.04 -10.92
C THR A 257 -19.24 14.76 -11.09
N PRO A 258 -19.84 13.70 -11.66
CA PRO A 258 -19.13 12.45 -11.93
C PRO A 258 -17.90 12.65 -12.81
N LEU A 259 -18.06 13.52 -13.81
CA LEU A 259 -16.92 13.82 -14.72
C LEU A 259 -15.77 14.36 -13.90
N HIS A 260 -16.01 15.27 -12.96
CA HIS A 260 -14.91 15.78 -12.08
C HIS A 260 -14.25 14.60 -11.42
N LEU A 261 -15.05 13.71 -10.84
CA LEU A 261 -14.48 12.59 -10.04
C LEU A 261 -13.71 11.62 -10.91
N ALA A 262 -14.20 11.35 -12.10
CA ALA A 262 -13.51 10.50 -13.11
C ALA A 262 -12.18 11.16 -13.49
N ALA A 263 -12.17 12.47 -13.73
CA ALA A 263 -10.94 13.18 -14.08
C ALA A 263 -10.03 13.17 -12.87
N TYR A 264 -10.55 13.49 -11.69
CA TYR A 264 -9.76 13.54 -10.44
C TYR A 264 -9.04 12.21 -10.28
N SER A 265 -9.75 11.09 -10.48
CA SER A 265 -9.23 9.73 -10.18
C SER A 265 -8.44 9.07 -11.34
N GLY A 266 -8.31 9.70 -12.50
CA GLY A 266 -7.54 9.13 -13.62
C GLY A 266 -8.27 8.03 -14.41
N HIS A 267 -9.59 7.99 -14.41
CA HIS A 267 -10.35 6.85 -15.01
C HIS A 267 -10.77 7.25 -16.42
N LEU A 268 -9.92 7.04 -17.41
CA LEU A 268 -10.07 7.55 -18.82
C LEU A 268 -11.34 7.00 -19.46
N GLU A 269 -11.52 5.66 -19.39
N GLU A 269 -11.54 5.68 -19.36
CA GLU A 269 -12.68 4.96 -19.98
CA GLU A 269 -12.69 5.02 -20.02
C GLU A 269 -13.96 5.62 -19.43
C GLU A 269 -13.98 5.61 -19.43
N ILE A 270 -14.03 5.86 -18.13
CA ILE A 270 -15.23 6.49 -17.49
C ILE A 270 -15.39 7.93 -17.97
N VAL A 271 -14.32 8.71 -18.06
CA VAL A 271 -14.36 10.10 -18.59
C VAL A 271 -14.99 10.06 -19.99
N GLU A 272 -14.54 9.13 -20.82
CA GLU A 272 -15.03 8.99 -22.22
C GLU A 272 -16.51 8.66 -22.22
N VAL A 273 -16.95 7.73 -21.37
CA VAL A 273 -18.36 7.28 -21.38
C VAL A 273 -19.23 8.40 -20.88
N LEU A 274 -18.84 9.08 -19.82
CA LEU A 274 -19.67 10.17 -19.28
C LEU A 274 -19.89 11.26 -20.35
N LEU A 275 -18.82 11.59 -21.06
CA LEU A 275 -18.82 12.64 -22.13
C LEU A 275 -19.75 12.19 -23.25
N LYS A 276 -19.65 10.92 -23.62
CA LYS A 276 -20.45 10.35 -24.71
C LYS A 276 -21.93 10.46 -24.31
N HIS A 277 -22.26 10.38 -23.01
CA HIS A 277 -23.66 10.46 -22.50
C HIS A 277 -24.01 11.88 -22.09
N GLY A 278 -23.27 12.87 -22.55
CA GLY A 278 -23.64 14.29 -22.45
C GLY A 278 -23.17 14.96 -21.17
N ALA A 279 -22.11 14.47 -20.52
CA ALA A 279 -21.54 15.16 -19.34
C ALA A 279 -21.13 16.57 -19.81
N ASP A 280 -21.39 17.55 -18.96
CA ASP A 280 -20.95 18.95 -19.12
C ASP A 280 -19.42 19.03 -18.92
N VAL A 281 -18.66 19.13 -20.00
CA VAL A 281 -17.17 19.18 -19.98
C VAL A 281 -16.65 20.38 -19.18
N ASP A 282 -17.46 21.43 -19.02
CA ASP A 282 -17.04 22.70 -18.35
C ASP A 282 -17.79 22.93 -17.04
N ALA A 283 -18.48 21.94 -16.49
CA ALA A 283 -19.05 22.06 -15.14
C ALA A 283 -17.97 22.58 -14.18
N SER A 284 -18.30 23.61 -13.40
N SER A 284 -18.33 23.59 -13.39
CA SER A 284 -17.37 24.20 -12.40
CA SER A 284 -17.42 24.21 -12.39
C SER A 284 -17.89 23.88 -11.00
C SER A 284 -17.91 23.88 -10.99
N ASP A 285 -17.01 23.49 -10.09
CA ASP A 285 -17.45 23.12 -8.72
C ASP A 285 -17.60 24.44 -7.97
N VAL A 286 -17.82 24.42 -6.66
CA VAL A 286 -18.03 25.68 -5.88
C VAL A 286 -16.73 26.50 -5.86
N PHE A 287 -15.58 25.86 -6.00
CA PHE A 287 -14.27 26.54 -6.08
C PHE A 287 -13.97 27.02 -7.52
N GLY A 288 -14.90 26.82 -8.45
CA GLY A 288 -14.66 27.18 -9.87
C GLY A 288 -13.75 26.17 -10.59
N TYR A 289 -13.49 24.97 -10.03
CA TYR A 289 -12.68 23.93 -10.72
C TYR A 289 -13.53 23.23 -11.77
N THR A 290 -12.92 23.01 -12.93
CA THR A 290 -13.49 22.15 -14.00
C THR A 290 -12.72 20.83 -14.03
N PRO A 291 -13.24 19.83 -14.79
CA PRO A 291 -12.56 18.54 -14.89
C PRO A 291 -11.14 18.74 -15.40
N LEU A 292 -10.97 19.69 -16.32
CA LEU A 292 -9.66 19.94 -16.94
C LEU A 292 -8.67 20.46 -15.91
N HIS A 293 -9.09 21.36 -15.03
CA HIS A 293 -8.28 21.77 -13.83
C HIS A 293 -7.79 20.53 -13.07
N LEU A 294 -8.70 19.61 -12.76
CA LEU A 294 -8.34 18.42 -11.93
C LEU A 294 -7.41 17.51 -12.71
N ALA A 295 -7.68 17.32 -14.03
CA ALA A 295 -6.86 16.41 -14.85
C ALA A 295 -5.44 16.95 -14.91
N ALA A 296 -5.31 18.29 -15.07
CA ALA A 296 -4.02 19.00 -15.13
C ALA A 296 -3.32 18.94 -13.77
N TYR A 297 -4.04 19.21 -12.70
CA TYR A 297 -3.43 19.19 -11.33
C TYR A 297 -2.80 17.83 -10.99
N TRP A 298 -3.48 16.71 -11.31
CA TRP A 298 -3.07 15.31 -10.97
C TRP A 298 -2.21 14.66 -12.07
N GLY A 299 -1.90 15.37 -13.14
CA GLY A 299 -0.99 14.91 -14.21
C GLY A 299 -1.61 13.88 -15.14
N HIS A 300 -2.92 13.93 -15.35
CA HIS A 300 -3.60 12.89 -16.17
C HIS A 300 -3.60 13.33 -17.65
N LEU A 301 -2.50 13.09 -18.35
CA LEU A 301 -2.30 13.61 -19.74
C LEU A 301 -3.42 13.16 -20.69
N GLU A 302 -3.76 11.88 -20.69
CA GLU A 302 -4.75 11.34 -21.68
C GLU A 302 -6.14 11.91 -21.39
N ILE A 303 -6.41 12.21 -20.13
CA ILE A 303 -7.73 12.78 -19.76
C ILE A 303 -7.69 14.26 -20.16
N VAL A 304 -6.58 14.92 -19.98
CA VAL A 304 -6.48 16.34 -20.46
C VAL A 304 -6.75 16.35 -21.98
N GLU A 305 -6.12 15.45 -22.73
CA GLU A 305 -6.31 15.33 -24.22
C GLU A 305 -7.78 15.09 -24.58
N VAL A 306 -8.46 14.15 -23.89
CA VAL A 306 -9.87 13.79 -24.20
C VAL A 306 -10.80 14.93 -23.84
N LEU A 307 -10.55 15.61 -22.72
CA LEU A 307 -11.42 16.76 -22.36
C LEU A 307 -11.27 17.86 -23.44
N LEU A 308 -10.07 18.18 -23.85
CA LEU A 308 -9.90 19.27 -24.87
C LEU A 308 -10.53 18.83 -26.20
N LYS A 309 -10.34 17.56 -26.56
CA LYS A 309 -10.92 16.99 -27.81
C LYS A 309 -12.43 17.06 -27.75
N ASN A 310 -13.02 17.16 -26.56
CA ASN A 310 -14.48 17.28 -26.33
C ASN A 310 -14.89 18.71 -25.98
N GLY A 311 -14.05 19.71 -26.20
CA GLY A 311 -14.49 21.12 -26.28
C GLY A 311 -14.35 21.87 -24.96
N ALA A 312 -13.50 21.33 -24.08
CA ALA A 312 -13.23 21.88 -22.73
C ALA A 312 -12.74 23.32 -22.93
N ASP A 313 -13.24 24.24 -22.12
CA ASP A 313 -12.70 25.62 -22.11
C ASP A 313 -11.26 25.58 -21.58
N VAL A 314 -10.27 25.71 -22.47
CA VAL A 314 -8.83 25.56 -22.14
C VAL A 314 -8.35 26.63 -21.15
N ASN A 315 -9.13 27.73 -20.98
CA ASN A 315 -8.74 28.91 -20.16
C ASN A 315 -9.76 29.14 -19.04
N ALA A 316 -10.43 28.10 -18.53
CA ALA A 316 -11.31 28.21 -17.36
C ALA A 316 -10.46 28.70 -16.17
N MET A 317 -11.07 29.53 -15.33
CA MET A 317 -10.42 30.12 -14.15
C MET A 317 -11.14 29.63 -12.92
N ASP A 318 -10.40 29.11 -11.97
CA ASP A 318 -10.95 28.78 -10.63
C ASP A 318 -10.98 30.07 -9.79
N SER A 319 -11.58 30.05 -8.61
CA SER A 319 -11.90 31.28 -7.83
C SER A 319 -10.61 31.96 -7.33
N ASP A 320 -9.44 31.33 -7.52
CA ASP A 320 -8.10 31.92 -7.34
C ASP A 320 -7.49 32.39 -8.66
N GLY A 321 -8.26 32.43 -9.76
CA GLY A 321 -7.79 32.86 -11.09
C GLY A 321 -6.78 31.91 -11.73
N MET A 322 -6.62 30.69 -11.23
CA MET A 322 -5.76 29.66 -11.87
C MET A 322 -6.51 29.06 -13.08
N THR A 323 -5.80 28.98 -14.19
CA THR A 323 -6.18 28.25 -15.42
C THR A 323 -5.43 26.92 -15.41
N PRO A 324 -5.91 25.93 -16.21
CA PRO A 324 -5.22 24.64 -16.32
C PRO A 324 -3.73 24.76 -16.60
N LEU A 325 -3.32 25.77 -17.37
CA LEU A 325 -1.89 25.95 -17.69
C LEU A 325 -1.10 26.38 -16.43
N HIS A 326 -1.66 27.24 -15.61
CA HIS A 326 -1.02 27.62 -14.30
C HIS A 326 -0.73 26.34 -13.51
N LEU A 327 -1.67 25.40 -13.43
CA LEU A 327 -1.53 24.19 -12.56
C LEU A 327 -0.49 23.24 -13.13
N ALA A 328 -0.53 23.06 -14.45
CA ALA A 328 0.38 22.13 -15.14
C ALA A 328 1.79 22.71 -15.02
N ALA A 329 1.95 24.02 -15.25
CA ALA A 329 3.25 24.72 -15.04
C ALA A 329 3.69 24.55 -13.58
N LYS A 330 2.79 24.81 -12.63
CA LYS A 330 3.12 24.78 -11.17
C LYS A 330 3.68 23.39 -10.79
N TRP A 331 3.00 22.31 -11.20
CA TRP A 331 3.24 20.92 -10.71
C TRP A 331 4.12 20.11 -11.66
N GLY A 332 4.60 20.74 -12.74
CA GLY A 332 5.71 20.26 -13.56
C GLY A 332 5.29 19.26 -14.63
N TYR A 333 4.11 19.44 -15.23
CA TYR A 333 3.60 18.46 -16.21
C TYR A 333 3.89 18.95 -17.62
N LEU A 334 5.07 18.66 -18.14
CA LEU A 334 5.57 19.28 -19.40
C LEU A 334 4.59 18.96 -20.55
N GLU A 335 4.27 17.71 -20.78
CA GLU A 335 3.43 17.33 -21.95
C GLU A 335 2.06 17.98 -21.83
N ILE A 336 1.49 18.06 -20.63
CA ILE A 336 0.16 18.74 -20.45
C ILE A 336 0.27 20.24 -20.82
N VAL A 337 1.38 20.90 -20.45
CA VAL A 337 1.63 22.34 -20.80
C VAL A 337 1.66 22.40 -22.33
N GLU A 338 2.46 21.55 -22.97
CA GLU A 338 2.57 21.49 -24.46
C GLU A 338 1.16 21.33 -25.06
N VAL A 339 0.40 20.33 -24.60
CA VAL A 339 -0.96 20.07 -25.15
C VAL A 339 -1.82 21.32 -24.93
N LEU A 340 -1.78 21.93 -23.73
CA LEU A 340 -2.72 23.05 -23.39
C LEU A 340 -2.47 24.24 -24.34
N LEU A 341 -1.23 24.49 -24.69
CA LEU A 341 -0.91 25.65 -25.56
C LEU A 341 -1.49 25.45 -26.97
N LYS A 342 -1.40 24.23 -27.49
CA LYS A 342 -1.88 23.85 -28.84
C LYS A 342 -3.38 24.08 -28.96
N HIS A 343 -4.06 24.00 -27.83
CA HIS A 343 -5.52 24.23 -27.72
C HIS A 343 -5.86 25.66 -27.29
N GLY A 344 -4.93 26.62 -27.29
CA GLY A 344 -5.33 28.04 -27.12
C GLY A 344 -5.15 28.57 -25.69
N ALA A 345 -4.34 27.89 -24.86
CA ALA A 345 -4.11 28.28 -23.45
C ALA A 345 -3.44 29.66 -23.47
N ASP A 346 -3.85 30.53 -22.57
CA ASP A 346 -3.43 31.95 -22.47
C ASP A 346 -2.19 32.06 -21.59
N VAL A 347 -1.01 32.29 -22.18
CA VAL A 347 0.24 32.40 -21.37
C VAL A 347 0.23 33.70 -20.55
N ASN A 348 -0.66 34.63 -20.86
CA ASN A 348 -0.64 35.94 -20.16
C ASN A 348 -1.68 36.02 -19.05
N ALA A 349 -2.47 34.96 -18.83
CA ALA A 349 -3.41 34.83 -17.71
C ALA A 349 -2.65 35.10 -16.42
N GLN A 350 -3.23 35.95 -15.57
CA GLN A 350 -2.71 36.18 -14.22
C GLN A 350 -3.75 35.73 -13.23
N ASP A 351 -3.31 34.95 -12.27
CA ASP A 351 -4.15 34.50 -11.15
C ASP A 351 -4.34 35.68 -10.17
N LYS A 352 -5.03 35.42 -9.07
CA LYS A 352 -5.46 36.42 -8.06
C LYS A 352 -4.22 37.10 -7.46
N PHE A 353 -3.05 36.48 -7.55
CA PHE A 353 -1.78 36.93 -6.94
C PHE A 353 -0.77 37.34 -8.02
N GLY A 354 -1.24 37.70 -9.22
CA GLY A 354 -0.46 38.38 -10.27
C GLY A 354 0.48 37.47 -11.05
N LYS A 355 0.37 36.16 -10.88
CA LYS A 355 1.29 35.19 -11.52
C LYS A 355 0.68 34.61 -12.80
N THR A 356 1.54 34.55 -13.81
CA THR A 356 1.36 33.79 -15.07
C THR A 356 1.91 32.37 -14.88
N PRO A 357 1.50 31.40 -15.74
CA PRO A 357 2.11 30.07 -15.71
C PRO A 357 3.65 30.14 -15.72
N PHE A 358 4.22 31.03 -16.53
CA PHE A 358 5.69 31.19 -16.63
C PHE A 358 6.25 31.50 -15.24
N ASP A 359 5.58 32.42 -14.52
CA ASP A 359 6.00 32.80 -13.14
C ASP A 359 6.03 31.58 -12.21
N LEU A 360 5.00 30.75 -12.25
CA LEU A 360 4.93 29.51 -11.41
C LEU A 360 5.97 28.50 -11.87
N ALA A 361 6.15 28.31 -13.18
CA ALA A 361 7.22 27.41 -13.63
C ALA A 361 8.54 27.89 -13.00
N ILE A 362 8.83 29.20 -13.07
CA ILE A 362 10.09 29.80 -12.56
C ILE A 362 10.19 29.50 -11.06
N ASP A 363 9.21 29.97 -10.30
CA ASP A 363 9.18 29.83 -8.81
C ASP A 363 9.33 28.35 -8.43
N ASN A 364 8.91 27.39 -9.26
CA ASN A 364 9.02 25.97 -8.86
C ASN A 364 10.24 25.31 -9.48
N GLY A 365 11.13 26.06 -10.11
CA GLY A 365 12.32 25.50 -10.78
C GLY A 365 11.94 24.49 -11.84
N ASN A 366 10.86 24.72 -12.58
CA ASN A 366 10.49 23.77 -13.68
C ASN A 366 11.12 24.33 -14.96
N GLU A 367 12.36 23.94 -15.28
CA GLU A 367 13.22 24.67 -16.26
C GLU A 367 12.57 24.54 -17.64
N ASP A 368 12.28 23.30 -17.99
CA ASP A 368 11.85 22.89 -19.34
C ASP A 368 10.58 23.68 -19.65
N ILE A 369 9.72 23.74 -18.67
CA ILE A 369 8.36 24.31 -18.80
C ILE A 369 8.51 25.82 -18.99
N ALA A 370 9.42 26.46 -18.23
CA ALA A 370 9.69 27.92 -18.33
C ALA A 370 10.20 28.25 -19.76
N GLU A 371 11.14 27.47 -20.29
CA GLU A 371 11.59 27.57 -21.71
C GLU A 371 10.35 27.56 -22.63
N VAL A 372 9.60 26.44 -22.66
CA VAL A 372 8.45 26.24 -23.60
C VAL A 372 7.50 27.44 -23.48
N LEU A 373 7.26 27.92 -22.25
CA LEU A 373 6.28 29.03 -22.01
C LEU A 373 6.83 30.36 -22.53
N GLN A 374 8.14 30.56 -22.36
CA GLN A 374 8.90 31.76 -22.84
C GLN A 374 8.78 31.81 -24.38
N LYS A 375 9.10 30.68 -25.01
CA LYS A 375 9.04 30.42 -26.47
C LYS A 375 7.65 30.76 -27.04
N ALA A 376 6.57 30.54 -26.26
CA ALA A 376 5.17 30.81 -26.66
C ALA A 376 4.77 32.25 -26.35
N ALA A 377 5.58 33.03 -25.64
CA ALA A 377 5.19 34.36 -25.08
C ALA A 377 4.71 35.28 -26.20
N PHE B 6 2.34 -26.22 13.31
CA PHE B 6 2.40 -24.74 13.15
C PHE B 6 3.53 -24.39 12.18
N LEU B 7 4.52 -23.63 12.71
CA LEU B 7 5.95 -23.53 12.31
C LEU B 7 6.75 -24.84 12.48
N GLU B 8 6.35 -25.80 13.32
CA GLU B 8 7.20 -26.99 13.55
C GLU B 8 7.45 -27.71 12.22
N ALA B 9 6.39 -28.07 11.52
CA ALA B 9 6.48 -28.86 10.27
C ALA B 9 7.27 -28.03 9.27
N ALA B 10 7.02 -26.73 9.22
CA ALA B 10 7.62 -25.80 8.24
C ALA B 10 9.15 -25.77 8.39
N LEU B 11 9.67 -25.84 9.62
CA LEU B 11 11.02 -25.34 9.93
C LEU B 11 11.98 -26.50 10.26
N GLU B 12 11.45 -27.65 10.64
CA GLU B 12 12.28 -28.72 11.26
C GLU B 12 13.28 -29.27 10.24
N ARG B 13 13.10 -29.03 8.94
CA ARG B 13 14.10 -29.54 7.96
C ARG B 13 15.21 -28.54 7.78
N ILE B 14 15.16 -27.37 8.42
CA ILE B 14 16.25 -26.37 8.27
C ILE B 14 17.35 -26.73 9.28
N GLU B 15 18.48 -27.23 8.78
CA GLU B 15 19.60 -27.78 9.58
C GLU B 15 20.60 -26.67 9.90
N LYS B 16 20.13 -25.64 10.59
CA LYS B 16 20.97 -24.47 10.92
C LYS B 16 20.65 -24.09 12.33
N ASN B 17 21.55 -23.34 12.97
CA ASN B 17 21.35 -22.89 14.37
C ASN B 17 20.48 -21.65 14.31
N PHE B 18 19.27 -21.73 14.84
CA PHE B 18 18.46 -20.49 14.93
C PHE B 18 17.40 -20.65 15.98
N VAL B 19 16.85 -19.51 16.37
CA VAL B 19 15.69 -19.37 17.29
C VAL B 19 14.75 -18.39 16.63
N ILE B 20 13.49 -18.47 17.04
CA ILE B 20 12.43 -17.46 16.77
C ILE B 20 11.86 -16.98 18.10
N THR B 21 11.83 -15.67 18.27
CA THR B 21 11.36 -15.02 19.51
C THR B 21 10.09 -14.25 19.21
N ASP B 22 9.22 -14.18 20.19
CA ASP B 22 7.96 -13.44 20.06
C ASP B 22 8.13 -12.17 20.87
N PRO B 23 8.39 -11.02 20.21
CA PRO B 23 8.64 -9.79 20.93
C PRO B 23 7.35 -9.14 21.46
N ARG B 24 6.20 -9.74 21.11
N ARG B 24 6.19 -9.72 21.14
CA ARG B 24 4.83 -9.30 21.48
CA ARG B 24 4.87 -9.19 21.57
C ARG B 24 4.54 -9.79 22.91
C ARG B 24 4.51 -9.79 22.93
N LEU B 25 5.23 -10.86 23.34
CA LEU B 25 5.12 -11.47 24.68
C LEU B 25 6.13 -10.78 25.58
N PRO B 26 5.86 -10.67 26.89
CA PRO B 26 6.78 -9.97 27.78
C PRO B 26 8.13 -10.70 27.82
N ASP B 27 9.21 -9.93 27.67
CA ASP B 27 10.61 -10.41 27.72
C ASP B 27 11.07 -11.21 26.48
N ASN B 28 10.37 -11.08 25.37
CA ASN B 28 10.83 -11.57 24.03
C ASN B 28 11.29 -13.02 24.10
N PRO B 29 10.42 -13.95 24.57
CA PRO B 29 10.85 -15.33 24.74
C PRO B 29 11.08 -16.01 23.39
N ILE B 30 12.02 -16.94 23.40
CA ILE B 30 12.20 -17.98 22.36
C ILE B 30 10.88 -18.75 22.28
N ILE B 31 10.29 -18.85 21.09
CA ILE B 31 9.11 -19.72 20.85
C ILE B 31 9.47 -20.87 19.88
N PHE B 32 10.67 -20.90 19.28
CA PHE B 32 11.12 -22.03 18.46
C PHE B 32 12.62 -22.11 18.54
N ALA B 33 13.20 -23.30 18.60
CA ALA B 33 14.67 -23.49 18.59
C ALA B 33 15.02 -24.70 17.74
N SER B 34 15.91 -24.53 16.77
CA SER B 34 16.33 -25.60 15.86
C SER B 34 17.08 -26.69 16.64
N ASP B 35 17.01 -27.95 16.20
CA ASP B 35 17.71 -29.09 16.82
C ASP B 35 19.21 -28.78 16.76
N SER B 36 19.65 -28.08 15.72
CA SER B 36 21.07 -27.72 15.57
C SER B 36 21.49 -26.73 16.68
N PHE B 37 20.60 -25.81 17.08
CA PHE B 37 20.86 -24.77 18.11
C PHE B 37 21.04 -25.47 19.48
N LEU B 38 20.05 -26.30 19.86
CA LEU B 38 20.07 -27.10 21.11
C LEU B 38 21.38 -27.91 21.17
N GLN B 39 21.77 -28.48 20.03
CA GLN B 39 23.04 -29.23 19.90
C GLN B 39 24.17 -28.33 20.33
N LEU B 40 24.30 -27.15 19.73
CA LEU B 40 25.43 -26.19 19.92
C LEU B 40 25.45 -25.69 21.36
N THR B 41 24.27 -25.42 21.93
CA THR B 41 24.15 -24.75 23.24
C THR B 41 24.06 -25.82 24.36
N GLU B 42 23.88 -27.08 23.99
CA GLU B 42 23.81 -28.20 24.95
C GLU B 42 22.54 -28.10 25.79
N TYR B 43 21.53 -27.35 25.37
CA TYR B 43 20.24 -27.32 26.09
C TYR B 43 19.22 -28.23 25.42
N SER B 44 18.24 -28.67 26.20
CA SER B 44 16.99 -29.33 25.75
C SER B 44 16.00 -28.25 25.29
N ARG B 45 14.95 -28.64 24.59
CA ARG B 45 13.91 -27.71 24.12
C ARG B 45 13.07 -27.30 25.32
N GLU B 46 12.79 -28.23 26.23
CA GLU B 46 11.98 -27.98 27.46
C GLU B 46 12.58 -26.83 28.28
N GLU B 47 13.91 -26.79 28.39
CA GLU B 47 14.63 -25.78 29.20
C GLU B 47 14.46 -24.37 28.60
N ILE B 48 14.39 -24.26 27.26
CA ILE B 48 14.62 -23.00 26.47
C ILE B 48 13.30 -22.32 26.11
N LEU B 49 12.32 -23.07 25.65
CA LEU B 49 11.06 -22.46 25.16
C LEU B 49 10.46 -21.59 26.26
N GLY B 50 10.05 -20.39 25.90
CA GLY B 50 9.38 -19.46 26.82
C GLY B 50 10.40 -18.68 27.61
N ARG B 51 11.69 -18.86 27.37
CA ARG B 51 12.67 -17.97 28.02
C ARG B 51 13.46 -17.04 27.07
N ASN B 52 13.81 -15.87 27.59
CA ASN B 52 14.64 -14.87 26.86
C ASN B 52 16.02 -15.48 26.59
N ALA B 53 16.62 -15.20 25.44
CA ALA B 53 17.89 -15.78 24.97
C ALA B 53 19.09 -15.26 25.77
N ARG B 54 18.93 -14.32 26.69
CA ARG B 54 20.07 -13.81 27.49
C ARG B 54 20.81 -14.95 28.23
N PHE B 55 20.22 -16.14 28.46
CA PHE B 55 20.98 -17.28 29.05
C PHE B 55 22.26 -17.61 28.23
N LEU B 56 22.35 -17.22 26.96
CA LEU B 56 23.58 -17.45 26.14
C LEU B 56 24.73 -16.53 26.56
N GLN B 57 24.45 -15.53 27.40
CA GLN B 57 25.45 -14.53 27.82
C GLN B 57 26.27 -15.09 29.00
N GLY B 58 27.58 -14.85 28.99
CA GLY B 58 28.47 -15.07 30.15
C GLY B 58 29.47 -13.93 30.27
N PRO B 59 30.45 -14.01 31.20
CA PRO B 59 31.37 -12.89 31.42
C PRO B 59 32.12 -12.35 30.20
N GLU B 60 32.42 -13.19 29.21
CA GLU B 60 33.25 -12.73 28.07
C GLU B 60 32.35 -12.32 26.90
N THR B 61 31.03 -12.34 27.07
CA THR B 61 30.07 -11.81 26.08
C THR B 61 30.19 -10.29 26.16
N ASP B 62 30.72 -9.72 25.09
CA ASP B 62 30.98 -8.27 25.00
C ASP B 62 29.67 -7.50 25.26
N ARG B 63 29.69 -6.64 26.26
CA ARG B 63 28.46 -5.92 26.65
C ARG B 63 28.05 -4.90 25.57
N ALA B 64 28.97 -4.16 24.94
CA ALA B 64 28.67 -3.19 23.86
C ALA B 64 28.01 -3.94 22.69
N THR B 65 28.46 -5.14 22.39
CA THR B 65 27.86 -6.03 21.34
C THR B 65 26.43 -6.43 21.72
N VAL B 66 26.21 -6.89 22.96
CA VAL B 66 24.85 -7.22 23.47
C VAL B 66 23.97 -5.97 23.30
N ARG B 67 24.46 -4.78 23.62
CA ARG B 67 23.70 -3.52 23.43
C ARG B 67 23.27 -3.32 21.98
N LYS B 68 24.11 -3.65 21.04
CA LYS B 68 23.74 -3.52 19.62
C LYS B 68 22.61 -4.50 19.31
N ILE B 69 22.64 -5.70 19.88
CA ILE B 69 21.51 -6.66 19.66
C ILE B 69 20.23 -6.03 20.29
N ARG B 70 20.35 -5.56 21.52
CA ARG B 70 19.26 -4.91 22.30
C ARG B 70 18.69 -3.76 21.48
N ASP B 71 19.54 -2.93 20.88
CA ASP B 71 19.10 -1.76 20.09
C ASP B 71 18.35 -2.25 18.87
N ALA B 72 18.77 -3.35 18.22
CA ALA B 72 18.17 -3.78 16.95
C ALA B 72 16.74 -4.29 17.18
N ILE B 73 16.51 -4.93 18.33
CA ILE B 73 15.17 -5.42 18.79
C ILE B 73 14.29 -4.19 19.11
N ASP B 74 14.83 -3.26 19.88
CA ASP B 74 14.11 -2.00 20.26
C ASP B 74 13.71 -1.23 18.99
N ASN B 75 14.56 -1.11 17.95
CA ASN B 75 14.27 -0.32 16.73
C ASN B 75 13.60 -1.18 15.65
N GLN B 76 13.49 -2.49 15.86
CA GLN B 76 12.94 -3.44 14.88
C GLN B 76 13.74 -3.34 13.59
N THR B 77 15.08 -3.43 13.74
CA THR B 77 16.05 -3.43 12.62
C THR B 77 16.83 -4.74 12.67
N GLU B 78 17.68 -4.95 11.68
CA GLU B 78 18.59 -6.12 11.64
C GLU B 78 19.97 -5.77 12.16
N VAL B 79 20.71 -6.79 12.58
CA VAL B 79 22.11 -6.59 12.95
C VAL B 79 22.87 -7.89 12.77
N THR B 80 24.12 -7.77 12.36
CA THR B 80 25.06 -8.89 12.29
C THR B 80 26.24 -8.48 13.16
N VAL B 81 26.60 -9.35 14.11
CA VAL B 81 27.76 -9.18 15.03
C VAL B 81 28.49 -10.52 15.18
N GLN B 82 29.74 -10.45 15.64
CA GLN B 82 30.48 -11.62 16.15
C GLN B 82 30.69 -11.41 17.64
N LEU B 83 30.51 -12.45 18.44
CA LEU B 83 30.63 -12.34 19.90
C LEU B 83 30.79 -13.76 20.44
N ILE B 84 31.22 -13.84 21.71
CA ILE B 84 31.45 -15.11 22.44
C ILE B 84 30.17 -15.39 23.17
N ASN B 85 29.59 -16.57 22.96
CA ASN B 85 28.41 -17.00 23.76
C ASN B 85 28.78 -18.27 24.54
N TYR B 86 27.91 -18.74 25.44
CA TYR B 86 28.15 -19.83 26.42
C TYR B 86 27.13 -20.93 26.30
N THR B 87 27.58 -22.17 26.34
CA THR B 87 26.68 -23.36 26.40
C THR B 87 26.13 -23.53 27.82
N LYS B 88 25.21 -24.50 28.01
CA LYS B 88 24.62 -24.79 29.34
C LYS B 88 25.72 -25.14 30.35
N SER B 89 26.77 -25.84 29.91
CA SER B 89 27.89 -26.30 30.77
C SER B 89 28.90 -25.17 31.00
N GLY B 90 28.62 -23.97 30.48
CA GLY B 90 29.54 -22.82 30.56
C GLY B 90 30.74 -22.92 29.64
N LYS B 91 30.64 -23.57 28.47
CA LYS B 91 31.72 -23.54 27.44
C LYS B 91 31.55 -22.33 26.52
N LYS B 92 32.65 -21.71 26.09
CA LYS B 92 32.64 -20.48 25.26
C LYS B 92 32.56 -20.88 23.78
N PHE B 93 31.78 -20.16 22.96
CA PHE B 93 31.92 -20.25 21.48
C PHE B 93 31.76 -18.89 20.80
N TRP B 94 32.75 -18.57 19.98
CA TRP B 94 32.65 -17.49 18.97
C TRP B 94 31.52 -17.89 18.03
N ASN B 95 30.68 -16.93 17.66
CA ASN B 95 29.71 -17.13 16.55
C ASN B 95 29.43 -15.78 15.88
N VAL B 96 29.16 -15.88 14.58
CA VAL B 96 28.54 -14.78 13.81
C VAL B 96 27.02 -14.90 14.02
N PHE B 97 26.44 -13.83 14.52
CA PHE B 97 25.04 -13.76 14.97
C PHE B 97 24.35 -12.69 14.14
N HIS B 98 23.26 -13.09 13.50
CA HIS B 98 22.39 -12.20 12.71
C HIS B 98 20.96 -12.30 13.23
N LEU B 99 20.35 -11.14 13.37
CA LEU B 99 19.01 -10.92 13.92
C LEU B 99 18.26 -10.10 12.89
N GLN B 100 17.04 -10.50 12.59
CA GLN B 100 16.11 -9.65 11.81
C GLN B 100 14.67 -9.92 12.26
N PRO B 101 13.81 -8.89 12.15
CA PRO B 101 12.41 -9.01 12.48
C PRO B 101 11.78 -9.74 11.30
N LEU B 102 10.73 -10.46 11.60
CA LEU B 102 9.83 -11.10 10.60
C LEU B 102 8.46 -10.40 10.67
N ARG B 103 7.97 -9.88 9.54
CA ARG B 103 6.66 -9.19 9.46
C ARG B 103 5.61 -10.11 8.81
N ASP B 104 4.37 -9.96 9.24
CA ASP B 104 3.15 -10.59 8.64
C ASP B 104 2.80 -9.93 7.28
N GLN B 105 1.77 -10.44 6.59
CA GLN B 105 1.20 -9.89 5.32
C GLN B 105 1.06 -8.36 5.48
N LYS B 106 0.50 -7.90 6.61
CA LYS B 106 0.25 -6.47 6.87
C LYS B 106 1.56 -5.72 7.13
N GLY B 107 2.64 -6.43 7.47
CA GLY B 107 3.96 -5.81 7.71
C GLY B 107 4.11 -5.34 9.16
N ASP B 108 3.27 -5.83 10.05
CA ASP B 108 3.56 -5.82 11.49
C ASP B 108 4.66 -6.83 11.79
N VAL B 109 5.60 -6.45 12.67
CA VAL B 109 6.65 -7.32 13.25
C VAL B 109 6.00 -8.30 14.22
N GLN B 110 6.14 -9.58 13.93
CA GLN B 110 5.54 -10.63 14.75
C GLN B 110 6.62 -11.39 15.51
N TYR B 111 7.75 -11.60 14.85
CA TYR B 111 8.85 -12.42 15.41
C TYR B 111 10.17 -11.76 15.10
N PHE B 112 11.19 -12.20 15.82
CA PHE B 112 12.59 -12.01 15.44
C PHE B 112 13.15 -13.38 15.13
N ILE B 113 14.06 -13.40 14.17
CA ILE B 113 14.85 -14.58 13.75
C ILE B 113 16.31 -14.35 14.15
N GLY B 114 16.87 -15.30 14.86
CA GLY B 114 18.29 -15.26 15.24
C GLY B 114 19.03 -16.45 14.68
N VAL B 115 20.05 -16.16 13.88
CA VAL B 115 20.91 -17.20 13.30
C VAL B 115 22.33 -17.08 13.87
N GLN B 116 22.88 -18.22 14.29
N GLN B 116 22.83 -18.22 14.34
CA GLN B 116 24.24 -18.32 14.87
CA GLN B 116 24.20 -18.44 14.86
C GLN B 116 25.11 -19.27 14.02
C GLN B 116 25.01 -19.21 13.82
N LEU B 117 26.22 -18.76 13.49
CA LEU B 117 27.25 -19.57 12.78
C LEU B 117 28.47 -19.63 13.71
N ASP B 118 28.82 -20.82 14.26
CA ASP B 118 29.91 -20.96 15.27
C ASP B 118 31.27 -21.27 14.61
N GLY B 119 32.37 -21.08 15.35
CA GLY B 119 33.77 -21.32 14.91
C GLY B 119 34.33 -20.26 13.96
N THR B 120 34.14 -18.96 14.27
CA THR B 120 34.40 -17.82 13.33
C THR B 120 35.64 -16.99 13.72
N GLU B 121 36.29 -17.29 14.85
N GLU B 121 36.29 -17.31 14.85
CA GLU B 121 37.34 -16.44 15.48
CA GLU B 121 37.32 -16.44 15.49
C GLU B 121 38.45 -16.10 14.49
C GLU B 121 38.46 -16.12 14.52
N HIS B 122 38.80 -17.02 13.58
CA HIS B 122 40.02 -16.88 12.73
C HIS B 122 39.67 -16.34 11.33
N PHE B 123 38.38 -16.12 11.03
CA PHE B 123 37.95 -15.59 9.72
C PHE B 123 38.10 -14.08 9.63
N SER B 124 38.61 -13.62 8.49
CA SER B 124 38.80 -12.20 8.18
C SER B 124 38.41 -11.90 6.72
N GLY B 125 38.36 -10.60 6.37
CA GLY B 125 38.20 -10.07 5.00
C GLY B 125 37.07 -10.78 4.23
N GLU B 126 37.40 -11.32 3.06
CA GLU B 126 36.43 -12.04 2.21
C GLU B 126 35.86 -13.26 2.96
N ASP B 127 36.57 -13.96 3.86
CA ASP B 127 36.04 -15.23 4.45
C ASP B 127 34.95 -14.93 5.47
N LEU B 128 35.17 -13.91 6.29
CA LEU B 128 34.16 -13.40 7.26
C LEU B 128 32.93 -12.86 6.50
N GLU B 129 33.17 -12.08 5.44
CA GLU B 129 32.11 -11.49 4.59
C GLU B 129 31.21 -12.62 4.03
N LYS B 130 31.76 -13.80 3.73
CA LYS B 130 30.96 -14.98 3.27
C LYS B 130 30.08 -15.52 4.40
N LEU B 131 30.59 -15.58 5.62
CA LEU B 131 29.79 -15.98 6.81
C LEU B 131 28.62 -15.02 7.07
N ILE B 132 28.88 -13.73 7.00
CA ILE B 132 27.90 -12.62 7.19
C ILE B 132 26.74 -12.80 6.19
N LYS B 133 27.06 -12.90 4.90
CA LYS B 133 26.10 -13.23 3.80
C LYS B 133 25.37 -14.54 4.11
N GLU B 134 26.08 -15.58 4.49
CA GLU B 134 25.42 -16.88 4.79
C GLU B 134 24.40 -16.74 5.92
N ALA B 135 24.75 -16.08 7.03
CA ALA B 135 23.83 -15.88 8.17
C ALA B 135 22.56 -15.17 7.66
N LYS B 136 22.71 -14.15 6.83
CA LYS B 136 21.60 -13.39 6.23
C LYS B 136 20.76 -14.32 5.35
N GLN B 137 21.43 -15.10 4.51
CA GLN B 137 20.77 -16.06 3.58
C GLN B 137 19.95 -17.05 4.40
N VAL B 138 20.51 -17.60 5.46
CA VAL B 138 19.78 -18.60 6.31
C VAL B 138 18.54 -17.92 6.93
N ALA B 139 18.72 -16.70 7.46
CA ALA B 139 17.62 -15.92 8.06
C ALA B 139 16.49 -15.75 7.03
N GLU B 140 16.83 -15.41 5.80
CA GLU B 140 15.88 -15.27 4.68
C GLU B 140 15.20 -16.61 4.38
N GLU B 141 15.91 -17.72 4.39
CA GLU B 141 15.31 -19.05 4.17
C GLU B 141 14.25 -19.32 5.24
N ILE B 142 14.60 -19.02 6.50
CA ILE B 142 13.72 -19.29 7.65
C ILE B 142 12.46 -18.45 7.48
N ALA B 143 12.65 -17.18 7.09
CA ALA B 143 11.62 -16.14 6.94
C ALA B 143 10.63 -16.53 5.84
N GLU B 144 11.14 -17.01 4.73
CA GLU B 144 10.29 -17.49 3.61
C GLU B 144 9.39 -18.64 4.09
N ALA B 145 9.97 -19.64 4.74
CA ALA B 145 9.24 -20.81 5.23
C ALA B 145 8.22 -20.41 6.29
N ALA B 146 8.57 -19.49 7.17
CA ALA B 146 7.67 -19.01 8.23
C ALA B 146 6.55 -18.18 7.60
N LYS B 147 6.81 -17.32 6.63
CA LYS B 147 5.74 -16.53 5.96
C LYS B 147 4.73 -17.48 5.32
N LEU B 148 5.20 -18.53 4.65
CA LEU B 148 4.29 -19.50 3.98
C LEU B 148 3.45 -20.21 5.03
N ALA B 149 4.05 -20.59 6.15
CA ALA B 149 3.34 -21.35 7.21
C ALA B 149 2.32 -20.41 7.89
N LEU B 150 2.65 -19.15 8.14
CA LEU B 150 1.71 -18.17 8.74
C LEU B 150 0.48 -17.94 7.83
N LEU B 151 0.72 -17.85 6.53
CA LEU B 151 -0.38 -17.69 5.56
C LEU B 151 -1.30 -18.92 5.63
N LYS B 152 -0.73 -20.10 5.75
CA LYS B 152 -1.50 -21.37 5.77
C LYS B 152 -2.32 -21.46 7.07
N LEU B 153 -1.75 -21.09 8.22
N LEU B 153 -1.71 -21.12 8.20
CA LEU B 153 -2.49 -21.00 9.51
CA LEU B 153 -2.43 -20.92 9.48
C LEU B 153 -3.63 -19.97 9.41
C LEU B 153 -3.66 -20.04 9.26
N LYS B 154 -3.46 -18.84 8.72
CA LYS B 154 -4.52 -17.82 8.51
C LYS B 154 -5.61 -18.42 7.60
N ILE B 155 -5.24 -19.11 6.54
CA ILE B 155 -6.20 -19.77 5.60
C ILE B 155 -7.06 -20.74 6.41
N LYS B 156 -6.46 -21.56 7.25
CA LYS B 156 -7.15 -22.58 8.10
C LYS B 156 -8.11 -21.89 9.06
N GLU B 157 -7.70 -20.79 9.67
N GLU B 157 -7.70 -20.81 9.73
CA GLU B 157 -8.52 -20.02 10.64
CA GLU B 157 -8.59 -20.04 10.63
C GLU B 157 -9.71 -19.39 9.88
C GLU B 157 -9.77 -19.52 9.81
N ILE B 158 -9.50 -18.92 8.65
CA ILE B 158 -10.57 -18.39 7.78
C ILE B 158 -11.54 -19.54 7.39
N GLU B 159 -11.04 -20.71 7.05
CA GLU B 159 -11.94 -21.82 6.61
C GLU B 159 -12.82 -22.27 7.79
N GLU B 160 -12.29 -22.26 9.01
CA GLU B 160 -13.09 -22.50 10.24
C GLU B 160 -14.20 -21.46 10.37
N LYS B 161 -13.90 -20.18 10.16
CA LYS B 161 -14.91 -19.09 10.29
C LYS B 161 -15.94 -19.18 9.16
N ILE B 162 -15.55 -19.61 7.95
CA ILE B 162 -16.49 -19.81 6.81
C ILE B 162 -17.48 -20.92 7.22
N LYS B 163 -16.99 -21.99 7.85
CA LYS B 163 -17.87 -23.12 8.27
C LYS B 163 -18.93 -22.59 9.23
N LYS B 164 -18.51 -21.81 10.20
CA LYS B 164 -19.37 -21.33 11.31
C LYS B 164 -20.39 -20.32 10.77
N ALA B 165 -19.98 -19.47 9.83
CA ALA B 165 -20.85 -18.51 9.09
C ALA B 165 -21.91 -19.28 8.26
N GLU B 166 -21.51 -20.36 7.59
CA GLU B 166 -22.41 -21.29 6.86
C GLU B 166 -23.45 -21.90 7.82
N ASP B 167 -23.01 -22.40 8.99
CA ASP B 167 -23.93 -22.96 10.00
C ASP B 167 -24.90 -21.87 10.48
N ASN B 168 -24.47 -20.64 10.72
CA ASN B 168 -25.34 -19.58 11.26
C ASN B 168 -26.16 -18.90 10.16
N GLY B 169 -25.96 -19.29 8.92
CA GLY B 169 -26.66 -18.68 7.77
C GLY B 169 -26.29 -17.21 7.58
N ASP B 170 -25.08 -16.80 7.99
CA ASP B 170 -24.54 -15.46 7.63
C ASP B 170 -23.91 -15.54 6.23
N GLU B 171 -24.74 -15.52 5.20
CA GLU B 171 -24.33 -15.63 3.79
C GLU B 171 -23.34 -14.53 3.44
N ASP B 172 -23.67 -13.29 3.79
CA ASP B 172 -22.78 -12.13 3.48
C ASP B 172 -21.43 -12.29 4.17
N LYS B 173 -21.42 -12.89 5.36
CA LYS B 173 -20.17 -13.20 6.09
C LYS B 173 -19.34 -14.24 5.33
N VAL B 174 -19.96 -15.35 4.91
CA VAL B 174 -19.29 -16.41 4.12
C VAL B 174 -18.62 -15.72 2.92
N LYS B 175 -19.29 -14.77 2.30
CA LYS B 175 -18.88 -14.15 1.03
C LYS B 175 -17.67 -13.26 1.25
N GLU B 176 -17.73 -12.44 2.29
CA GLU B 176 -16.59 -11.59 2.74
C GLU B 176 -15.40 -12.47 3.17
N LEU B 177 -15.61 -13.55 3.93
CA LEU B 177 -14.50 -14.44 4.31
C LEU B 177 -13.93 -15.10 3.05
N ARG B 178 -14.76 -15.52 2.08
CA ARG B 178 -14.23 -16.19 0.85
C ARG B 178 -13.37 -15.20 0.08
N GLU B 179 -13.73 -13.92 0.03
CA GLU B 179 -12.90 -12.87 -0.59
C GLU B 179 -11.56 -12.83 0.15
N LYS B 180 -11.54 -12.83 1.49
CA LYS B 180 -10.28 -12.78 2.29
C LYS B 180 -9.42 -14.01 2.01
N LEU B 181 -10.08 -15.15 1.87
CA LEU B 181 -9.44 -16.44 1.58
C LEU B 181 -8.75 -16.35 0.21
N ASP B 182 -9.49 -15.95 -0.82
N ASP B 182 -9.42 -15.86 -0.82
CA ASP B 182 -8.93 -15.61 -2.16
CA ASP B 182 -8.78 -15.77 -2.16
C ASP B 182 -7.59 -14.87 -1.97
C ASP B 182 -7.61 -14.77 -2.12
N LYS B 183 -7.60 -13.75 -1.26
CA LYS B 183 -6.45 -12.83 -1.18
C LYS B 183 -5.25 -13.52 -0.53
N LEU B 184 -5.51 -14.39 0.45
CA LEU B 184 -4.43 -15.10 1.20
C LEU B 184 -3.78 -16.14 0.27
N ARG B 185 -4.58 -16.79 -0.60
CA ARG B 185 -4.10 -17.79 -1.59
C ARG B 185 -3.24 -17.05 -2.59
N LYS B 186 -3.70 -15.89 -3.05
CA LYS B 186 -2.91 -15.05 -3.96
C LYS B 186 -1.57 -14.74 -3.32
N ALA B 187 -1.54 -14.37 -2.05
CA ALA B 187 -0.32 -13.90 -1.36
C ALA B 187 0.64 -15.09 -1.19
N TYR B 188 0.08 -16.23 -0.83
CA TYR B 188 0.84 -17.48 -0.74
C TYR B 188 1.45 -17.75 -2.12
N LEU B 189 0.65 -17.74 -3.18
CA LEU B 189 1.16 -18.16 -4.51
C LEU B 189 2.21 -17.17 -5.06
N ILE B 190 2.12 -15.88 -4.74
CA ILE B 190 3.11 -14.85 -5.15
C ILE B 190 4.42 -15.11 -4.42
N LEU B 191 4.37 -15.50 -3.14
CA LEU B 191 5.61 -15.83 -2.36
C LEU B 191 6.30 -17.04 -3.03
N ALA B 192 5.50 -18.06 -3.35
CA ALA B 192 6.04 -19.33 -3.85
C ALA B 192 6.55 -19.05 -5.27
N LEU B 193 5.88 -18.22 -6.06
CA LEU B 193 6.39 -17.94 -7.43
C LEU B 193 7.67 -17.09 -7.40
N LEU B 194 7.80 -16.10 -6.53
CA LEU B 194 9.06 -15.31 -6.44
C LEU B 194 10.22 -16.23 -6.04
N GLU B 195 9.98 -17.17 -5.13
CA GLU B 195 11.00 -18.13 -4.67
C GLU B 195 11.41 -19.04 -5.84
N ALA B 196 10.45 -19.60 -6.56
CA ALA B 196 10.79 -20.58 -7.61
C ALA B 196 11.54 -19.86 -8.74
N ALA B 197 11.09 -18.65 -9.06
CA ALA B 197 11.74 -17.78 -10.07
C ALA B 197 13.19 -17.52 -9.65
N LYS B 198 13.44 -17.18 -8.40
CA LYS B 198 14.76 -16.83 -7.88
C LYS B 198 15.67 -18.07 -7.92
N LYS B 199 15.14 -19.23 -7.50
CA LYS B 199 15.91 -20.48 -7.40
C LYS B 199 16.01 -21.18 -8.76
N GLY B 200 15.32 -20.70 -9.77
CA GLY B 200 15.35 -21.26 -11.14
C GLY B 200 14.69 -22.62 -11.23
N GLN B 201 13.59 -22.81 -10.52
CA GLN B 201 12.77 -24.03 -10.56
C GLN B 201 11.76 -23.91 -11.69
N ILE B 202 12.08 -24.45 -12.85
CA ILE B 202 11.31 -24.19 -14.11
C ILE B 202 9.95 -24.81 -13.96
N GLU B 203 9.91 -26.07 -13.56
CA GLU B 203 8.65 -26.82 -13.43
C GLU B 203 7.84 -26.26 -12.30
N GLU B 204 8.50 -25.80 -11.22
CA GLU B 204 7.73 -25.18 -10.12
C GLU B 204 7.01 -23.91 -10.62
N VAL B 205 7.71 -23.07 -11.39
CA VAL B 205 7.15 -21.82 -11.98
C VAL B 205 5.96 -22.25 -12.85
N ARG B 206 6.13 -23.25 -13.68
CA ARG B 206 5.03 -23.65 -14.59
C ARG B 206 3.83 -24.07 -13.79
N ARG B 207 4.05 -24.84 -12.71
CA ARG B 207 2.96 -25.41 -11.88
C ARG B 207 2.26 -24.29 -11.12
N LEU B 208 2.98 -23.36 -10.51
CA LEU B 208 2.34 -22.28 -9.74
C LEU B 208 1.55 -21.37 -10.69
N LEU B 209 2.05 -21.11 -11.89
CA LEU B 209 1.25 -20.35 -12.85
C LEU B 209 0.02 -21.16 -13.23
N GLU B 210 0.17 -22.46 -13.40
CA GLU B 210 -1.00 -23.31 -13.72
C GLU B 210 -2.03 -23.20 -12.61
N LEU B 211 -1.58 -23.07 -11.37
CA LEU B 211 -2.49 -22.97 -10.22
C LEU B 211 -3.00 -21.55 -9.96
N GLY B 212 -2.63 -20.55 -10.75
CA GLY B 212 -3.22 -19.19 -10.70
C GLY B 212 -2.32 -18.14 -10.06
N ALA B 213 -1.03 -18.41 -9.89
CA ALA B 213 -0.02 -17.48 -9.33
C ALA B 213 0.09 -16.31 -10.30
N ASP B 214 0.10 -15.07 -9.79
CA ASP B 214 0.04 -13.84 -10.61
C ASP B 214 1.46 -13.60 -11.13
N ALA B 215 1.70 -13.82 -12.42
CA ALA B 215 2.98 -13.49 -13.08
C ALA B 215 3.36 -12.02 -12.76
N ASN B 216 2.39 -11.16 -12.47
CA ASN B 216 2.71 -9.73 -12.19
C ASN B 216 2.78 -9.47 -10.69
N GLY B 217 2.68 -10.48 -9.81
CA GLY B 217 2.84 -10.30 -8.35
C GLY B 217 4.17 -9.66 -8.02
N ALA B 218 4.33 -9.06 -6.85
CA ALA B 218 5.49 -8.23 -6.46
C ALA B 218 5.59 -8.25 -4.95
N ASP B 219 6.79 -8.43 -4.42
CA ASP B 219 7.10 -8.29 -2.98
C ASP B 219 7.00 -6.81 -2.57
N GLY B 220 7.12 -6.52 -1.27
CA GLY B 220 7.02 -5.17 -0.68
C GLY B 220 7.76 -4.14 -1.52
N GLY B 221 8.96 -4.52 -2.00
CA GLY B 221 9.87 -3.66 -2.79
C GLY B 221 9.50 -3.52 -4.28
N GLY B 222 8.36 -4.07 -4.72
CA GLY B 222 7.89 -4.03 -6.12
C GLY B 222 8.67 -4.98 -7.03
N THR B 223 9.48 -5.87 -6.46
CA THR B 223 10.20 -6.95 -7.18
C THR B 223 9.22 -8.04 -7.68
N THR B 224 9.19 -8.25 -8.99
CA THR B 224 8.42 -9.29 -9.71
C THR B 224 9.25 -10.55 -9.96
N PRO B 225 8.59 -11.69 -10.26
CA PRO B 225 9.30 -12.90 -10.71
C PRO B 225 10.25 -12.63 -11.90
N LEU B 226 9.82 -11.78 -12.82
CA LEU B 226 10.65 -11.42 -14.00
C LEU B 226 11.92 -10.70 -13.57
N HIS B 227 11.88 -9.84 -12.57
CA HIS B 227 13.11 -9.21 -12.05
C HIS B 227 14.04 -10.31 -11.55
N LEU B 228 13.55 -11.23 -10.71
CA LEU B 228 14.40 -12.30 -10.13
C LEU B 228 14.98 -13.23 -11.20
N ALA B 229 14.19 -13.68 -12.13
CA ALA B 229 14.65 -14.56 -13.21
C ALA B 229 15.65 -13.82 -14.06
N ALA B 230 15.44 -12.53 -14.29
CA ALA B 230 16.40 -11.71 -15.06
C ALA B 230 17.74 -11.68 -14.35
N THR B 231 17.74 -11.45 -13.03
CA THR B 231 18.98 -11.33 -12.26
C THR B 231 19.74 -12.65 -12.28
N SER B 232 19.05 -13.75 -12.04
CA SER B 232 19.72 -15.05 -11.84
C SER B 232 19.92 -15.77 -13.16
N GLY B 233 19.45 -15.23 -14.29
CA GLY B 233 19.90 -15.69 -15.60
C GLY B 233 19.17 -16.91 -16.06
N GLN B 234 17.92 -17.05 -15.63
CA GLN B 234 16.98 -18.16 -15.94
C GLN B 234 16.19 -17.86 -17.19
N LEU B 235 16.72 -18.13 -18.36
CA LEU B 235 16.13 -17.72 -19.66
C LEU B 235 14.76 -18.35 -19.87
N THR B 236 14.63 -19.67 -19.62
CA THR B 236 13.33 -20.39 -19.79
C THR B 236 12.27 -19.74 -18.89
N ILE B 237 12.64 -19.44 -17.65
CA ILE B 237 11.64 -18.82 -16.71
C ILE B 237 11.29 -17.42 -17.22
N VAL B 238 12.24 -16.66 -17.76
CA VAL B 238 11.94 -15.35 -18.41
C VAL B 238 10.92 -15.56 -19.51
N GLU B 239 11.14 -16.55 -20.37
CA GLU B 239 10.25 -16.74 -21.53
C GLU B 239 8.89 -17.19 -21.04
N ILE B 240 8.85 -18.05 -20.05
CA ILE B 240 7.54 -18.54 -19.52
C ILE B 240 6.76 -17.35 -18.95
N LEU B 241 7.39 -16.52 -18.13
CA LEU B 241 6.71 -15.37 -17.50
C LEU B 241 6.21 -14.44 -18.60
N LEU B 242 7.02 -14.12 -19.61
CA LEU B 242 6.58 -13.19 -20.71
C LEU B 242 5.37 -13.77 -21.46
N ARG B 243 5.42 -15.05 -21.79
CA ARG B 243 4.30 -15.73 -22.49
C ARG B 243 3.04 -15.62 -21.61
N GLN B 244 3.15 -15.60 -20.29
CA GLN B 244 1.94 -15.53 -19.43
C GLN B 244 1.55 -14.09 -19.08
N GLY B 245 2.14 -13.10 -19.70
CA GLY B 245 1.68 -11.70 -19.55
C GLY B 245 2.41 -10.91 -18.48
N ALA B 246 3.59 -11.36 -18.07
CA ALA B 246 4.46 -10.54 -17.19
C ALA B 246 4.78 -9.22 -17.91
N ASP B 247 4.69 -8.13 -17.17
CA ASP B 247 5.03 -6.78 -17.65
C ASP B 247 6.56 -6.73 -17.83
N VAL B 248 7.03 -6.76 -19.08
CA VAL B 248 8.48 -6.74 -19.42
C VAL B 248 9.15 -5.48 -18.84
N ASN B 249 8.36 -4.44 -18.53
CA ASN B 249 8.86 -3.10 -18.16
C ASN B 249 8.50 -2.77 -16.70
N ALA B 250 8.02 -3.73 -15.93
CA ALA B 250 7.70 -3.54 -14.50
C ALA B 250 8.88 -2.88 -13.79
N ALA B 251 8.63 -1.79 -13.05
CA ALA B 251 9.66 -1.06 -12.27
C ALA B 251 9.40 -1.29 -10.78
N ASP B 252 10.44 -1.63 -10.07
CA ASP B 252 10.42 -1.85 -8.62
C ASP B 252 10.54 -0.46 -7.98
N ASN B 253 10.56 -0.38 -6.65
CA ASN B 253 10.48 0.93 -5.93
C ASN B 253 11.70 1.79 -6.30
N THR B 254 12.87 1.21 -6.55
CA THR B 254 14.08 1.93 -7.05
C THR B 254 14.00 2.29 -8.54
N GLY B 255 12.86 2.09 -9.22
CA GLY B 255 12.75 2.29 -10.67
C GLY B 255 13.49 1.26 -11.53
N THR B 256 13.99 0.16 -10.94
CA THR B 256 14.75 -0.89 -11.66
C THR B 256 13.79 -1.75 -12.50
N THR B 257 14.11 -1.98 -13.76
CA THR B 257 13.38 -2.91 -14.63
C THR B 257 14.17 -4.22 -14.76
N PRO B 258 13.52 -5.25 -15.33
CA PRO B 258 14.18 -6.51 -15.66
C PRO B 258 15.35 -6.32 -16.62
N LEU B 259 15.20 -5.45 -17.63
CA LEU B 259 16.32 -5.09 -18.52
C LEU B 259 17.49 -4.50 -17.74
N HIS B 260 17.26 -3.60 -16.80
CA HIS B 260 18.34 -3.13 -15.89
C HIS B 260 19.03 -4.33 -15.28
N LEU B 261 18.26 -5.26 -14.69
CA LEU B 261 18.88 -6.39 -13.94
C LEU B 261 19.62 -7.36 -14.83
N ALA B 262 19.12 -7.65 -16.04
CA ALA B 262 19.85 -8.51 -17.02
C ALA B 262 21.15 -7.83 -17.47
N ALA B 263 21.12 -6.52 -17.72
CA ALA B 263 22.34 -5.78 -18.09
C ALA B 263 23.31 -5.73 -16.92
N TYR B 264 22.84 -5.35 -15.72
CA TYR B 264 23.66 -5.37 -14.49
C TYR B 264 24.40 -6.74 -14.41
N SER B 265 23.69 -7.84 -14.57
CA SER B 265 24.21 -9.19 -14.30
C SER B 265 24.96 -9.83 -15.48
N GLY B 266 24.92 -9.24 -16.67
CA GLY B 266 25.70 -9.78 -17.79
C GLY B 266 24.99 -10.91 -18.51
N HIS B 267 23.66 -10.97 -18.43
CA HIS B 267 22.86 -12.06 -19.07
C HIS B 267 22.40 -11.62 -20.45
N LEU B 268 23.28 -11.77 -21.45
CA LEU B 268 23.10 -11.28 -22.86
C LEU B 268 21.84 -11.88 -23.48
N GLU B 269 21.71 -13.20 -23.43
CA GLU B 269 20.55 -13.85 -24.05
C GLU B 269 19.30 -13.32 -23.38
N ILE B 270 19.30 -13.06 -22.08
CA ILE B 270 18.08 -12.47 -21.43
C ILE B 270 17.87 -10.98 -21.86
N VAL B 271 18.92 -10.21 -22.00
CA VAL B 271 18.85 -8.82 -22.56
C VAL B 271 18.17 -8.89 -23.94
N GLU B 272 18.54 -9.87 -24.75
CA GLU B 272 18.04 -10.01 -26.12
C GLU B 272 16.55 -10.28 -26.10
N VAL B 273 16.14 -11.22 -25.24
CA VAL B 273 14.74 -11.69 -25.20
C VAL B 273 13.88 -10.55 -24.67
N LEU B 274 14.34 -9.86 -23.62
CA LEU B 274 13.53 -8.77 -23.06
C LEU B 274 13.24 -7.72 -24.12
N LEU B 275 14.27 -7.36 -24.88
CA LEU B 275 14.20 -6.33 -25.97
C LEU B 275 13.23 -6.82 -27.05
N LYS B 276 13.37 -8.08 -27.48
CA LYS B 276 12.49 -8.68 -28.49
C LYS B 276 11.05 -8.60 -28.01
N HIS B 277 10.80 -8.57 -26.71
CA HIS B 277 9.43 -8.56 -26.13
C HIS B 277 9.03 -7.13 -25.72
N GLY B 278 9.67 -6.09 -26.25
CA GLY B 278 9.25 -4.70 -26.00
C GLY B 278 9.85 -4.06 -24.76
N ALA B 279 11.02 -4.49 -24.26
CA ALA B 279 11.63 -3.85 -23.09
C ALA B 279 12.00 -2.43 -23.53
N ASP B 280 11.67 -1.45 -22.71
CA ASP B 280 12.07 -0.04 -22.86
C ASP B 280 13.60 0.03 -22.66
N VAL B 281 14.33 0.09 -23.77
CA VAL B 281 15.82 0.20 -23.80
C VAL B 281 16.30 1.41 -22.99
N ASP B 282 15.47 2.46 -22.77
CA ASP B 282 15.97 3.69 -22.09
C ASP B 282 15.22 3.92 -20.79
N ALA B 283 14.56 2.90 -20.24
CA ALA B 283 14.03 2.97 -18.86
C ALA B 283 15.11 3.53 -17.94
N SER B 284 14.77 4.49 -17.07
CA SER B 284 15.78 5.06 -16.16
C SER B 284 15.30 4.89 -14.71
N ASP B 285 16.18 4.48 -13.84
CA ASP B 285 15.81 4.15 -12.44
C ASP B 285 15.85 5.48 -11.64
N VAL B 286 15.37 5.55 -10.41
CA VAL B 286 15.37 6.81 -9.60
C VAL B 286 16.72 7.52 -9.59
N PHE B 287 17.87 6.84 -9.69
CA PHE B 287 19.18 7.51 -9.86
C PHE B 287 19.41 7.96 -11.33
N GLY B 288 18.44 7.76 -12.22
CA GLY B 288 18.57 8.04 -13.67
C GLY B 288 19.55 7.13 -14.44
N TYR B 289 19.97 5.95 -13.90
CA TYR B 289 20.67 4.88 -14.67
C TYR B 289 19.71 4.25 -15.68
N THR B 290 20.20 4.05 -16.89
CA THR B 290 19.59 3.21 -17.95
C THR B 290 20.34 1.90 -17.97
N PRO B 291 19.80 0.89 -18.66
CA PRO B 291 20.53 -0.35 -18.79
C PRO B 291 21.91 -0.12 -19.36
N LEU B 292 22.03 0.82 -20.29
CA LEU B 292 23.33 1.09 -20.94
C LEU B 292 24.35 1.61 -19.91
N HIS B 293 23.97 2.50 -19.02
CA HIS B 293 24.81 2.90 -17.84
C HIS B 293 25.33 1.69 -17.08
N LEU B 294 24.44 0.74 -16.79
CA LEU B 294 24.79 -0.48 -16.01
C LEU B 294 25.75 -1.36 -16.80
N ALA B 295 25.51 -1.59 -18.12
CA ALA B 295 26.39 -2.47 -18.90
C ALA B 295 27.78 -1.85 -18.99
N ALA B 296 27.90 -0.53 -19.19
CA ALA B 296 29.16 0.23 -19.21
C ALA B 296 29.89 0.06 -17.86
N TYR B 297 29.19 0.33 -16.78
CA TYR B 297 29.77 0.22 -15.41
C TYR B 297 30.34 -1.19 -15.14
N TRP B 298 29.60 -2.26 -15.44
CA TRP B 298 30.02 -3.66 -15.11
C TRP B 298 30.85 -4.25 -16.24
N GLY B 299 31.13 -3.43 -17.26
CA GLY B 299 32.04 -3.80 -18.36
C GLY B 299 31.45 -4.89 -19.21
N HIS B 300 30.15 -4.87 -19.47
CA HIS B 300 29.50 -5.92 -20.29
C HIS B 300 29.46 -5.48 -21.76
N LEU B 301 30.57 -5.71 -22.47
CA LEU B 301 30.80 -5.24 -23.88
C LEU B 301 29.66 -5.71 -24.81
N GLU B 302 29.36 -7.00 -24.82
CA GLU B 302 28.36 -7.61 -25.74
C GLU B 302 27.00 -6.99 -25.44
N ILE B 303 26.74 -6.68 -24.18
CA ILE B 303 25.41 -6.12 -23.79
C ILE B 303 25.36 -4.64 -24.22
N VAL B 304 26.47 -3.94 -24.08
CA VAL B 304 26.53 -2.52 -24.54
C VAL B 304 26.18 -2.56 -26.03
N GLU B 305 26.88 -3.40 -26.77
CA GLU B 305 26.65 -3.55 -28.26
C GLU B 305 25.21 -3.84 -28.58
N VAL B 306 24.56 -4.78 -27.85
CA VAL B 306 23.16 -5.16 -28.17
C VAL B 306 22.26 -4.00 -27.76
N LEU B 307 22.57 -3.32 -26.69
CA LEU B 307 21.67 -2.19 -26.29
C LEU B 307 21.71 -1.09 -27.36
N LEU B 308 22.87 -0.80 -27.88
CA LEU B 308 23.00 0.31 -28.88
C LEU B 308 22.31 -0.09 -30.21
N LYS B 309 22.45 -1.38 -30.57
CA LYS B 309 21.88 -1.97 -31.80
C LYS B 309 20.36 -1.88 -31.72
N ASN B 310 19.85 -1.81 -30.50
CA ASN B 310 18.40 -1.70 -30.19
C ASN B 310 17.98 -0.27 -29.90
N GLY B 311 18.80 0.75 -30.19
CA GLY B 311 18.28 2.13 -30.17
C GLY B 311 18.47 2.85 -28.86
N ALA B 312 19.35 2.34 -27.97
CA ALA B 312 19.69 2.95 -26.67
C ALA B 312 20.13 4.40 -26.94
N ASP B 313 19.74 5.31 -26.05
CA ASP B 313 20.30 6.68 -26.03
C ASP B 313 21.75 6.63 -25.55
N VAL B 314 22.71 6.83 -26.46
CA VAL B 314 24.16 6.66 -26.14
C VAL B 314 24.61 7.75 -25.17
N ASN B 315 23.81 8.81 -24.99
CA ASN B 315 24.19 10.02 -24.23
C ASN B 315 23.25 10.26 -23.05
N ALA B 316 22.49 9.24 -22.67
CA ALA B 316 21.66 9.18 -21.45
C ALA B 316 22.47 9.71 -20.27
N MET B 317 21.82 10.54 -19.44
CA MET B 317 22.53 11.20 -18.30
C MET B 317 21.89 10.75 -17.00
N ASP B 318 22.69 10.27 -16.06
CA ASP B 318 22.14 9.95 -14.71
C ASP B 318 21.99 11.24 -13.90
N SER B 319 21.35 11.17 -12.69
CA SER B 319 21.05 12.35 -11.83
C SER B 319 22.36 13.07 -11.36
N ASP B 320 23.52 12.46 -11.57
CA ASP B 320 24.86 13.06 -11.43
C ASP B 320 25.49 13.45 -12.78
N GLY B 321 24.70 13.52 -13.87
CA GLY B 321 25.15 14.00 -15.18
C GLY B 321 26.14 13.07 -15.83
N MET B 322 26.32 11.84 -15.32
CA MET B 322 27.20 10.80 -15.93
C MET B 322 26.46 10.13 -17.12
N THR B 323 27.20 10.01 -18.20
CA THR B 323 26.79 9.31 -19.45
C THR B 323 27.55 7.99 -19.46
N PRO B 324 27.07 7.02 -20.27
CA PRO B 324 27.77 5.74 -20.33
C PRO B 324 29.26 5.94 -20.59
N LEU B 325 29.65 6.90 -21.43
CA LEU B 325 31.07 7.10 -21.82
C LEU B 325 31.88 7.53 -20.58
N HIS B 326 31.36 8.43 -19.77
CA HIS B 326 31.98 8.75 -18.44
C HIS B 326 32.25 7.48 -17.62
N LEU B 327 31.31 6.50 -17.57
CA LEU B 327 31.49 5.31 -16.69
C LEU B 327 32.50 4.33 -17.31
N ALA B 328 32.45 4.14 -18.64
CA ALA B 328 33.42 3.28 -19.35
C ALA B 328 34.83 3.88 -19.19
N ALA B 329 34.97 5.20 -19.39
CA ALA B 329 36.23 5.95 -19.21
C ALA B 329 36.75 5.77 -17.77
N LYS B 330 35.86 5.89 -16.78
CA LYS B 330 36.29 5.87 -15.36
C LYS B 330 36.79 4.47 -14.95
N TRP B 331 36.02 3.44 -15.29
CA TRP B 331 36.22 2.07 -14.76
C TRP B 331 37.15 1.25 -15.66
N GLY B 332 37.64 1.84 -16.76
CA GLY B 332 38.76 1.29 -17.56
C GLY B 332 38.33 0.35 -18.67
N TYR B 333 37.19 0.60 -19.31
CA TYR B 333 36.63 -0.32 -20.33
C TYR B 333 36.87 0.27 -21.74
N LEU B 334 38.06 0.03 -22.29
CA LEU B 334 38.52 0.58 -23.61
C LEU B 334 37.55 0.20 -24.76
N GLU B 335 37.21 -1.06 -24.90
CA GLU B 335 36.45 -1.51 -26.10
C GLU B 335 35.06 -0.85 -26.04
N ILE B 336 34.54 -0.67 -24.83
CA ILE B 336 33.20 -0.06 -24.60
C ILE B 336 33.29 1.43 -24.96
N VAL B 337 34.40 2.10 -24.61
CA VAL B 337 34.66 3.53 -24.94
C VAL B 337 34.59 3.66 -26.48
N GLU B 338 35.29 2.78 -27.17
CA GLU B 338 35.36 2.76 -28.67
C GLU B 338 33.99 2.47 -29.28
N VAL B 339 33.25 1.46 -28.77
CA VAL B 339 31.88 1.20 -29.22
C VAL B 339 31.00 2.43 -28.98
N LEU B 340 31.03 3.04 -27.79
CA LEU B 340 30.14 4.20 -27.47
C LEU B 340 30.40 5.37 -28.44
N LEU B 341 31.67 5.63 -28.76
CA LEU B 341 32.05 6.73 -29.71
C LEU B 341 31.41 6.52 -31.12
N LYS B 342 31.48 5.31 -31.66
CA LYS B 342 30.99 4.95 -33.03
C LYS B 342 29.48 5.16 -33.07
N HIS B 343 28.82 5.07 -31.91
CA HIS B 343 27.35 5.25 -31.82
C HIS B 343 26.99 6.67 -31.39
N GLY B 344 27.93 7.61 -31.40
CA GLY B 344 27.61 9.06 -31.27
C GLY B 344 27.80 9.60 -29.85
N ALA B 345 28.65 8.96 -29.02
CA ALA B 345 28.82 9.36 -27.60
C ALA B 345 29.48 10.73 -27.63
N ASP B 346 29.12 11.58 -26.66
CA ASP B 346 29.54 13.00 -26.59
C ASP B 346 30.83 13.10 -25.77
N VAL B 347 32.00 13.29 -26.41
CA VAL B 347 33.27 13.42 -25.63
C VAL B 347 33.30 14.73 -24.81
N ASN B 348 32.39 15.68 -25.05
CA ASN B 348 32.33 17.00 -24.32
C ASN B 348 31.27 17.06 -23.21
N ALA B 349 30.46 16.01 -22.98
CA ALA B 349 29.51 15.95 -21.84
C ALA B 349 30.30 16.19 -20.54
N GLN B 350 29.78 17.09 -19.73
CA GLN B 350 30.31 17.39 -18.38
C GLN B 350 29.34 16.79 -17.38
N ASP B 351 29.84 16.06 -16.40
CA ASP B 351 29.00 15.59 -15.27
C ASP B 351 28.77 16.79 -14.32
N LYS B 352 28.06 16.61 -13.21
CA LYS B 352 27.66 17.70 -12.26
C LYS B 352 28.90 18.41 -11.71
N PHE B 353 30.05 17.75 -11.78
CA PHE B 353 31.32 18.22 -11.17
C PHE B 353 32.20 18.77 -12.29
N GLY B 354 31.62 19.02 -13.47
CA GLY B 354 32.30 19.60 -14.65
C GLY B 354 33.32 18.68 -15.31
N LYS B 355 33.29 17.38 -15.03
CA LYS B 355 34.21 16.39 -15.63
C LYS B 355 33.59 15.80 -16.90
N THR B 356 34.43 15.77 -17.93
CA THR B 356 34.31 14.97 -19.18
C THR B 356 34.88 13.56 -18.97
N PRO B 357 34.56 12.59 -19.86
CA PRO B 357 35.14 11.25 -19.76
C PRO B 357 36.67 11.21 -19.87
N PHE B 358 37.26 12.11 -20.66
CA PHE B 358 38.74 12.35 -20.71
C PHE B 358 39.25 12.68 -19.30
N ASP B 359 38.58 13.63 -18.65
CA ASP B 359 38.97 14.07 -17.27
C ASP B 359 39.11 12.87 -16.33
N LEU B 360 38.12 11.97 -16.32
CA LEU B 360 38.05 10.76 -15.45
C LEU B 360 39.09 9.73 -15.91
N ALA B 361 39.21 9.48 -17.21
CA ALA B 361 40.22 8.51 -17.70
C ALA B 361 41.60 8.94 -17.17
N ILE B 362 41.91 10.24 -17.26
CA ILE B 362 43.14 10.81 -16.64
C ILE B 362 43.09 10.53 -15.13
N ASP B 363 42.05 11.01 -14.44
CA ASP B 363 42.01 10.87 -12.94
C ASP B 363 42.23 9.41 -12.56
N ASN B 364 41.94 8.44 -13.44
CA ASN B 364 41.99 7.00 -13.04
C ASN B 364 43.21 6.30 -13.64
N GLY B 365 44.13 7.06 -14.26
CA GLY B 365 45.34 6.52 -14.93
C GLY B 365 44.94 5.56 -16.04
N ASN B 366 43.86 5.90 -16.74
CA ASN B 366 43.37 5.10 -17.90
C ASN B 366 43.98 5.77 -19.17
N GLU B 367 45.26 5.47 -19.40
N GLU B 367 45.28 5.58 -19.43
CA GLU B 367 46.18 6.11 -20.40
CA GLU B 367 46.03 6.35 -20.47
C GLU B 367 45.65 5.89 -21.83
C GLU B 367 45.59 5.93 -21.89
N ASP B 368 45.37 4.63 -22.15
CA ASP B 368 44.94 4.16 -23.49
C ASP B 368 43.65 4.93 -23.82
N ILE B 369 42.73 4.93 -22.86
CA ILE B 369 41.36 5.48 -23.06
C ILE B 369 41.49 6.98 -23.22
N ALA B 370 42.37 7.55 -22.40
CA ALA B 370 42.64 9.00 -22.33
C ALA B 370 42.99 9.52 -23.74
N GLU B 371 43.92 8.88 -24.41
CA GLU B 371 44.34 9.38 -25.74
C GLU B 371 43.23 9.09 -26.75
N VAL B 372 42.57 7.93 -26.68
CA VAL B 372 41.46 7.59 -27.61
C VAL B 372 40.40 8.71 -27.55
N LEU B 373 40.10 9.23 -26.34
CA LEU B 373 39.06 10.29 -26.15
C LEU B 373 39.56 11.62 -26.70
N GLN B 374 40.85 11.87 -26.49
CA GLN B 374 41.55 13.08 -26.98
C GLN B 374 41.59 13.06 -28.52
N LYS B 375 41.96 11.93 -29.14
CA LYS B 375 42.02 11.76 -30.62
C LYS B 375 40.64 11.92 -31.25
N ALA B 376 39.55 11.66 -30.50
CA ALA B 376 38.15 11.85 -30.95
C ALA B 376 37.67 13.27 -30.59
N ALA B 377 38.42 14.00 -29.74
CA ALA B 377 38.09 15.38 -29.30
C ALA B 377 37.91 16.26 -30.53
C1 GOL C . -7.91 19.02 -6.49
O1 GOL C . -9.20 18.51 -6.18
C2 GOL C . -7.64 20.31 -5.74
O2 GOL C . -7.09 20.02 -4.45
C3 GOL C . -6.69 21.23 -6.49
O3 GOL C . -6.27 22.32 -5.67
C CO3 D . 7.86 6.03 8.16
O1 CO3 D . 7.48 5.72 6.99
O2 CO3 D . 8.55 7.10 8.35
O3 CO3 D . 7.56 5.30 9.15
C1 GOL E . 26.04 2.14 -10.57
O1 GOL E . 26.80 3.16 -9.93
C2 GOL E . 26.17 0.82 -9.85
O2 GOL E . 25.73 0.96 -8.50
C3 GOL E . 25.40 -0.31 -10.52
O3 GOL E . 24.00 -0.16 -10.29
C1 GOL F . 22.34 -6.02 9.57
O1 GOL F . 22.98 -7.29 9.41
C2 GOL F . 23.27 -4.82 9.81
O2 GOL F . 22.46 -3.67 10.03
C3 GOL F . 24.22 -4.96 10.99
O3 GOL F . 25.60 -4.97 10.60
C CO3 G . -2.40 -23.16 -0.77
O1 CO3 G . -2.49 -22.73 -1.98
O2 CO3 G . -2.20 -24.41 -0.56
O3 CO3 G . -2.47 -22.35 0.21
#